data_8SGT
#
_entry.id   8SGT
#
_cell.length_a   1.00
_cell.length_b   1.00
_cell.length_c   1.00
_cell.angle_alpha   90.00
_cell.angle_beta   90.00
_cell.angle_gamma   90.00
#
_symmetry.space_group_name_H-M   'P 1'
#
loop_
_entity.id
_entity.type
_entity.pdbx_description
1 polymer 'Sodium/calcium exchanger 1'
2 polymer 'Fab light chain'
3 polymer 'Fab heavy chain'
4 non-polymer 'CALCIUM ION'
#
loop_
_entity_poly.entity_id
_entity_poly.type
_entity_poly.pdbx_seq_one_letter_code
_entity_poly.pdbx_strand_id
1 'polypeptide(L)'
;MYNMRRLSLSPTFSMGFHLLVTVSLLFSHVDHVIAETEMEGEGNETGECTGSYYCKKGVILPIWEPQDPSFGDKIARATV
YFVAMVYMFLGVSIIADRFMSSIEVITSQEKEITIKKPNGETTKTTVRIWNETVSNLTLMALGSSAPEILLSVIEVCGHN
FTAGDLGPSTIVGSAAFNMFIIIALCVYVVPDGETRKIKHLRVFFVTAAWSIFAYTWLYIILSVISPGVVEVWEGLLTFF
FFPICVVFAWVADRRLLFYKYVYKRYRAGKQRGMIIEHEGDRPSSKTEIEMDGKVVNSHVENFLDGALVLEVDERDQDDE
EARREMARILKELKQKHPDKEIEQLIELANYQVLSQQQKSRAFYRIQATRLMTGATENDPVSKIFFEQGTYQCLENCGTV
ALTIIRRGGDLTNTVFVDFRTEDGTANAGSDYEFTEGTVVFKPGDTQKEIRVGIIDDDIFEEDENFLVHLSNVKVSSEAS
EDGILEANHVSTLACLGSPSTATVTIFDDDHAGIFTFEEPVTHVSESIGIMEVKVLRTSGARGNVIVPYKTIEGTARGGG
EDFEDTCGELEFQNDEIVKTISVKVIDDEEYEKNKTFFLEIGEPRLVEMSEKKALLLNELGGFTITGKYLFGQPVFRKVH
AREHPILSTVITIADEYDDKQPLTSKEEEERRIAEMGRPILGEHTKLEVIIEESYEFKSTVDKLIKKTNLALVVGTNSWR
EQFIEAITVSAGEDDDDDECGEEKLPSCFDYVMHFLTVFWKVLFAFVPPTEYWNGWACFIVSILMIGLLTAFIGDLASHF
GCTIGLKDSVTAVVFVALGTSVPDTFASKVAATQDQYADASIGNVTGSNAVNVFLGIGVAWSIAAIYHAANGEQFKVSPG
TLAFSVTLFTIFAFINVGVLLYRRRPEIGGELGGPRTAKLLTSCLFVLLWLLYIFFSSLEAYCHIKGFAAAGGSWSHPQF
EKGGGSGGGSGGSAWSHPQFEK
;
A
2 'polypeptide(L)'
;QAVVTQESALTTSPGETVTLTCRSSTGAVTTSNYANWVQEKPDHLFTGLIGGTNNRVPGVPARFSGSLIGDKAALTITGA
QTEDEAIYFCALWYSNHWVFGGGTKLTVLGQPKSSPSVTLFPPSSEELETNKATLVCTITDFYPGVVTVDWKVDGTPVTQ
GMETTQPSKQSNNKYMASSYLTLTARAWERHSSYSCQVTHEG
;
L
3 'polypeptide(L)'
;QVQLQQSGAELARPGASVKLSCKATGYSFTSYWMQWVKQRPGQGMEWIGAIYPGDVTSRYTQKFKGKATLTADKSSSTAF
MQLRSLASEDSAVYYCARWSGYYGSSSFDYWGQGTTLTVSSAKTTPPSVYPLAPGCGDTTGSSVTLGCLVKGYFPESVTV
TWNSGSLSSSVHTFPALLQSGLYTMSSSVTVPSSTWPSQTVTCSVAHPASSTTVDKKLEPSGPISTINPCPPCKECHKCP
APNLEGGPS
;
H
#
loop_
_chem_comp.id
_chem_comp.type
_chem_comp.name
_chem_comp.formula
CA non-polymer 'CALCIUM ION' 'Ca 2'
#
# COMPACT_ATOMS: atom_id res chain seq x y z
N SER A 52 4.48 -27.56 60.70
CA SER A 52 5.11 -26.56 61.56
C SER A 52 4.59 -25.17 61.24
N TYR A 53 4.72 -24.26 62.20
CA TYR A 53 4.28 -22.88 62.04
C TYR A 53 5.43 -21.93 61.71
N TYR A 54 6.65 -22.43 61.57
CA TYR A 54 7.82 -21.60 61.31
C TYR A 54 8.13 -21.63 59.81
N CYS A 55 8.38 -20.46 59.25
CA CYS A 55 8.50 -20.28 57.81
C CYS A 55 9.96 -19.99 57.47
N LYS A 56 10.51 -20.76 56.54
CA LYS A 56 11.87 -20.49 56.06
C LYS A 56 11.84 -19.36 55.05
N LYS A 57 12.94 -18.62 54.98
CA LYS A 57 13.00 -17.47 54.09
C LYS A 57 13.03 -17.91 52.63
N GLY A 58 12.21 -17.25 51.82
CA GLY A 58 12.06 -17.63 50.43
C GLY A 58 13.17 -17.09 49.55
N VAL A 59 13.02 -17.34 48.25
CA VAL A 59 13.98 -16.84 47.28
C VAL A 59 13.92 -15.32 47.20
N ILE A 60 12.71 -14.76 47.22
CA ILE A 60 12.49 -13.32 47.07
C ILE A 60 11.80 -12.73 48.28
N LEU A 61 10.67 -13.28 48.67
CA LEU A 61 9.86 -12.70 49.73
C LEU A 61 10.53 -12.87 51.08
N PRO A 62 10.60 -11.82 51.91
CA PRO A 62 11.10 -11.99 53.27
C PRO A 62 10.05 -12.65 54.17
N ILE A 63 10.54 -13.12 55.31
CA ILE A 63 9.65 -13.74 56.29
C ILE A 63 8.80 -12.66 56.95
N TRP A 64 7.49 -12.88 56.98
CA TRP A 64 6.62 -12.00 57.74
C TRP A 64 6.86 -12.22 59.23
N GLU A 65 7.16 -11.16 59.95
CA GLU A 65 7.56 -11.27 61.35
C GLU A 65 6.67 -10.39 62.21
N PRO A 66 6.40 -10.81 63.46
CA PRO A 66 6.89 -12.02 64.14
C PRO A 66 6.17 -13.30 63.75
N GLN A 67 6.81 -14.43 63.95
CA GLN A 67 6.24 -15.72 63.60
C GLN A 67 5.35 -16.25 64.71
N ASP A 68 4.34 -17.01 64.32
CA ASP A 68 3.31 -17.53 65.21
C ASP A 68 2.68 -16.44 66.09
N PRO A 69 2.12 -15.37 65.48
CA PRO A 69 1.67 -14.22 66.29
C PRO A 69 0.43 -14.48 67.13
N SER A 70 -0.64 -14.96 66.48
CA SER A 70 -1.94 -15.11 67.13
C SER A 70 -2.78 -16.05 66.25
N PHE A 71 -4.08 -16.09 66.50
CA PHE A 71 -5.00 -16.81 65.62
C PHE A 71 -5.70 -15.89 64.64
N GLY A 72 -5.99 -14.66 65.04
CA GLY A 72 -6.54 -13.69 64.10
C GLY A 72 -5.55 -13.27 63.05
N ASP A 73 -4.28 -13.11 63.43
CA ASP A 73 -3.26 -12.66 62.48
C ASP A 73 -2.95 -13.74 61.45
N LYS A 74 -3.07 -15.02 61.81
CA LYS A 74 -2.90 -16.08 60.82
C LYS A 74 -3.95 -15.97 59.72
N ILE A 75 -5.18 -15.66 60.10
CA ILE A 75 -6.24 -15.45 59.10
C ILE A 75 -5.92 -14.24 58.25
N ALA A 76 -5.40 -13.18 58.87
CA ALA A 76 -5.05 -11.97 58.13
C ALA A 76 -3.89 -12.21 57.17
N ARG A 77 -2.85 -12.93 57.63
CA ARG A 77 -1.68 -13.16 56.79
C ARG A 77 -1.98 -14.14 55.66
N ALA A 78 -2.69 -15.23 55.96
CA ALA A 78 -2.95 -16.25 54.95
C ALA A 78 -3.87 -15.74 53.86
N THR A 79 -4.77 -14.81 54.19
CA THR A 79 -5.61 -14.19 53.17
C THR A 79 -4.76 -13.38 52.19
N VAL A 80 -3.75 -12.68 52.70
CA VAL A 80 -2.84 -11.93 51.84
C VAL A 80 -2.05 -12.89 50.94
N TYR A 81 -1.55 -13.98 51.52
CA TYR A 81 -0.77 -14.93 50.72
C TYR A 81 -1.62 -15.67 49.71
N PHE A 82 -2.88 -15.98 50.05
CA PHE A 82 -3.72 -16.70 49.10
C PHE A 82 -4.14 -15.81 47.94
N VAL A 83 -4.58 -14.59 48.23
CA VAL A 83 -5.03 -13.69 47.16
C VAL A 83 -3.86 -13.29 46.26
N ALA A 84 -2.68 -13.08 46.84
CA ALA A 84 -1.50 -12.77 46.04
C ALA A 84 -1.11 -13.96 45.16
N MET A 85 -1.26 -15.18 45.68
CA MET A 85 -0.92 -16.36 44.90
C MET A 85 -1.93 -16.59 43.77
N VAL A 86 -3.21 -16.34 44.02
CA VAL A 86 -4.22 -16.48 42.98
C VAL A 86 -4.02 -15.42 41.90
N TYR A 87 -3.62 -14.21 42.29
CA TYR A 87 -3.35 -13.17 41.31
C TYR A 87 -2.13 -13.51 40.46
N MET A 88 -1.13 -14.19 41.05
CA MET A 88 0.01 -14.64 40.26
C MET A 88 -0.39 -15.75 39.30
N PHE A 89 -1.27 -16.65 39.73
CA PHE A 89 -1.76 -17.69 38.83
C PHE A 89 -2.51 -17.10 37.65
N LEU A 90 -3.24 -16.01 37.89
CA LEU A 90 -3.85 -15.27 36.79
C LEU A 90 -2.80 -14.68 35.86
N GLY A 91 -1.71 -14.17 36.42
CA GLY A 91 -0.65 -13.61 35.61
C GLY A 91 0.11 -14.64 34.80
N VAL A 92 0.34 -15.82 35.39
CA VAL A 92 1.10 -16.86 34.70
C VAL A 92 0.33 -17.40 33.51
N SER A 93 -0.99 -17.54 33.63
CA SER A 93 -1.79 -18.02 32.51
C SER A 93 -1.75 -17.05 31.33
N ILE A 94 -1.66 -15.75 31.62
CA ILE A 94 -1.57 -14.75 30.56
C ILE A 94 -0.23 -14.84 29.85
N ILE A 95 0.86 -14.92 30.63
CA ILE A 95 2.20 -14.92 30.03
C ILE A 95 2.53 -16.29 29.42
N ALA A 96 1.99 -17.38 29.97
CA ALA A 96 2.25 -18.68 29.36
C ALA A 96 1.46 -18.85 28.07
N ASP A 97 0.31 -18.19 27.96
CA ASP A 97 -0.41 -18.16 26.68
C ASP A 97 0.42 -17.47 25.61
N ARG A 98 1.03 -16.33 25.96
CA ARG A 98 1.88 -15.62 25.01
C ARG A 98 3.17 -16.39 24.74
N PHE A 99 3.67 -17.12 25.74
CA PHE A 99 4.85 -17.95 25.53
C PHE A 99 4.57 -19.09 24.56
N MET A 100 3.38 -19.70 24.67
CA MET A 100 3.00 -20.77 23.75
C MET A 100 2.77 -20.23 22.34
N SER A 101 2.21 -19.02 22.21
CA SER A 101 1.99 -18.45 20.90
C SER A 101 3.30 -18.12 20.20
N SER A 102 4.34 -17.74 20.96
CA SER A 102 5.65 -17.54 20.37
C SER A 102 6.23 -18.85 19.85
N ILE A 103 6.05 -19.94 20.59
CA ILE A 103 6.50 -21.26 20.15
C ILE A 103 5.78 -21.66 18.87
N GLU A 104 4.50 -21.28 18.76
CA GLU A 104 3.71 -21.56 17.57
C GLU A 104 4.30 -20.90 16.34
N VAL A 105 4.78 -19.66 16.48
CA VAL A 105 5.35 -18.93 15.35
C VAL A 105 6.72 -19.48 14.98
N ILE A 106 7.51 -19.91 15.98
CA ILE A 106 8.83 -20.49 15.69
C ILE A 106 8.70 -21.75 14.85
N THR A 107 7.73 -22.60 15.17
CA THR A 107 7.57 -23.89 14.52
C THR A 107 6.60 -23.85 13.34
N SER A 108 6.30 -22.66 12.82
CA SER A 108 5.39 -22.51 11.70
C SER A 108 6.11 -21.90 10.50
N GLU A 132 0.17 -29.47 12.61
CA GLU A 132 -0.17 -30.16 13.85
C GLU A 132 0.41 -31.56 13.76
N THR A 133 1.64 -31.70 14.23
CA THR A 133 2.33 -32.98 14.31
C THR A 133 2.61 -33.32 15.77
N VAL A 134 3.04 -34.56 16.00
CA VAL A 134 3.41 -34.95 17.36
C VAL A 134 4.65 -34.19 17.81
N SER A 135 5.58 -33.92 16.88
CA SER A 135 6.75 -33.14 17.21
C SER A 135 6.41 -31.69 17.49
N ASN A 136 5.41 -31.14 16.80
CA ASN A 136 4.96 -29.79 17.10
C ASN A 136 4.13 -29.73 18.37
N LEU A 137 3.34 -30.76 18.63
CA LEU A 137 2.51 -30.78 19.83
C LEU A 137 3.31 -31.10 21.09
N THR A 138 4.40 -31.85 20.99
CA THR A 138 5.22 -32.10 22.16
C THR A 138 5.99 -30.86 22.58
N LEU A 139 6.22 -29.91 21.67
CA LEU A 139 6.80 -28.62 22.03
C LEU A 139 5.76 -27.70 22.64
N MET A 140 4.51 -27.79 22.21
CA MET A 140 3.45 -27.00 22.82
C MET A 140 3.09 -27.54 24.20
N ALA A 141 3.15 -28.86 24.38
CA ALA A 141 3.02 -29.45 25.71
C ALA A 141 4.21 -29.10 26.59
N LEU A 142 5.38 -28.88 25.98
CA LEU A 142 6.53 -28.38 26.73
C LEU A 142 6.35 -26.93 27.12
N GLY A 143 5.73 -26.13 26.24
CA GLY A 143 5.58 -24.71 26.52
C GLY A 143 4.63 -24.42 27.67
N SER A 144 3.56 -25.19 27.79
CA SER A 144 2.61 -25.00 28.87
C SER A 144 3.06 -25.61 30.18
N SER A 145 4.06 -26.49 30.15
CA SER A 145 4.60 -27.10 31.35
C SER A 145 5.78 -26.33 31.92
N ALA A 146 6.08 -25.15 31.38
CA ALA A 146 7.12 -24.32 31.95
C ALA A 146 6.87 -23.91 33.40
N PRO A 147 5.65 -23.54 33.83
CA PRO A 147 5.46 -23.29 35.28
C PRO A 147 5.81 -24.46 36.19
N GLU A 148 5.46 -25.70 35.82
CA GLU A 148 5.84 -26.83 36.65
C GLU A 148 7.33 -27.11 36.58
N ILE A 149 7.90 -27.02 35.37
CA ILE A 149 9.32 -27.34 35.19
C ILE A 149 10.19 -26.30 35.90
N LEU A 150 9.87 -25.02 35.76
CA LEU A 150 10.70 -23.98 36.35
C LEU A 150 10.57 -23.93 37.86
N LEU A 151 9.39 -24.22 38.41
CA LEU A 151 9.20 -24.14 39.85
C LEU A 151 10.05 -25.18 40.58
N SER A 152 10.16 -26.38 40.02
CA SER A 152 10.97 -27.42 40.65
C SER A 152 12.46 -27.08 40.58
N VAL A 153 12.90 -26.51 39.46
CA VAL A 153 14.31 -26.15 39.32
C VAL A 153 14.65 -24.95 40.20
N ILE A 154 13.76 -23.95 40.25
CA ILE A 154 14.01 -22.77 41.07
C ILE A 154 14.03 -23.14 42.56
N GLU A 155 13.12 -24.00 42.99
CA GLU A 155 13.01 -24.34 44.40
C GLU A 155 14.25 -25.07 44.90
N VAL A 156 14.79 -25.98 44.08
CA VAL A 156 16.00 -26.69 44.49
C VAL A 156 17.19 -25.74 44.51
N CYS A 157 17.43 -25.02 43.40
CA CYS A 157 18.59 -24.14 43.33
C CYS A 157 18.45 -22.93 44.23
N GLY A 158 17.23 -22.41 44.39
CA GLY A 158 17.04 -21.23 45.23
C GLY A 158 17.30 -21.51 46.69
N HIS A 159 16.96 -22.72 47.15
CA HIS A 159 17.06 -23.08 48.57
C HIS A 159 18.25 -23.98 48.85
N ASN A 160 19.38 -23.71 48.19
CA ASN A 160 20.67 -24.33 48.49
C ASN A 160 20.64 -25.84 48.23
N PHE A 161 20.06 -26.21 47.09
CA PHE A 161 20.12 -27.57 46.52
C PHE A 161 19.66 -28.63 47.51
N THR A 162 18.58 -28.34 48.21
CA THR A 162 17.95 -29.26 49.14
C THR A 162 16.56 -29.59 48.62
N ALA A 163 16.21 -30.87 48.61
CA ALA A 163 14.92 -31.30 48.12
C ALA A 163 13.79 -30.71 48.96
N GLY A 164 12.90 -29.97 48.31
CA GLY A 164 11.75 -29.38 48.97
C GLY A 164 10.48 -30.08 48.53
N ASP A 165 9.45 -30.02 49.37
CA ASP A 165 8.22 -30.75 49.09
C ASP A 165 7.39 -30.08 48.02
N LEU A 166 7.56 -28.77 47.82
CA LEU A 166 6.63 -28.01 47.00
C LEU A 166 6.76 -28.35 45.51
N GLY A 167 7.98 -28.56 45.04
CA GLY A 167 8.23 -28.79 43.64
C GLY A 167 7.85 -30.17 43.13
N PRO A 168 8.37 -31.22 43.75
CA PRO A 168 7.96 -32.58 43.37
C PRO A 168 6.47 -32.84 43.50
N SER A 169 5.81 -32.25 44.50
CA SER A 169 4.39 -32.54 44.71
C SER A 169 3.51 -31.83 43.70
N THR A 170 3.90 -30.62 43.29
CA THR A 170 3.12 -29.93 42.26
C THR A 170 3.30 -30.55 40.88
N ILE A 171 4.33 -31.38 40.69
CA ILE A 171 4.47 -32.12 39.45
C ILE A 171 3.65 -33.41 39.47
N VAL A 172 3.68 -34.13 40.59
CA VAL A 172 2.81 -35.31 40.72
C VAL A 172 1.35 -34.89 40.84
N GLY A 173 1.08 -33.81 41.57
CA GLY A 173 -0.26 -33.31 41.68
C GLY A 173 -0.80 -32.73 40.38
N SER A 174 0.09 -32.23 39.52
CA SER A 174 -0.33 -31.76 38.20
C SER A 174 -0.79 -32.92 37.33
N ALA A 175 -0.15 -34.08 37.48
CA ALA A 175 -0.53 -35.25 36.70
C ALA A 175 -1.95 -35.67 36.99
N ALA A 176 -2.35 -35.65 38.25
CA ALA A 176 -3.73 -35.97 38.60
C ALA A 176 -4.69 -34.94 38.01
N PHE A 177 -4.35 -33.66 38.09
CA PHE A 177 -5.23 -32.65 37.52
C PHE A 177 -5.28 -32.78 36.00
N ASN A 178 -4.13 -33.02 35.37
CA ASN A 178 -4.09 -33.17 33.92
C ASN A 178 -4.84 -34.42 33.48
N MET A 179 -4.52 -35.57 34.09
CA MET A 179 -5.04 -36.83 33.61
C MET A 179 -6.54 -36.95 33.84
N PHE A 180 -7.03 -36.44 34.96
CA PHE A 180 -8.45 -36.60 35.30
C PHE A 180 -9.28 -35.35 34.99
N ILE A 181 -8.92 -34.21 35.55
CA ILE A 181 -9.78 -33.02 35.41
C ILE A 181 -9.76 -32.48 33.98
N ILE A 182 -8.57 -32.40 33.37
CA ILE A 182 -8.51 -31.84 32.02
C ILE A 182 -9.19 -32.76 31.03
N ILE A 183 -8.95 -34.07 31.14
CA ILE A 183 -9.57 -35.03 30.23
C ILE A 183 -11.08 -35.08 30.44
N ALA A 184 -11.54 -34.96 31.68
CA ALA A 184 -12.97 -34.90 31.95
C ALA A 184 -13.62 -33.68 31.30
N LEU A 185 -12.91 -32.56 31.30
CA LEU A 185 -13.45 -31.36 30.68
C LEU A 185 -13.45 -31.49 29.16
N CYS A 186 -12.43 -32.16 28.60
CA CYS A 186 -12.38 -32.36 27.15
C CYS A 186 -13.46 -33.31 26.67
N VAL A 187 -13.88 -34.25 27.52
CA VAL A 187 -15.00 -35.13 27.17
C VAL A 187 -16.28 -34.32 27.01
N TYR A 188 -16.47 -33.31 27.86
CA TYR A 188 -17.74 -32.61 27.94
C TYR A 188 -17.84 -31.43 26.97
N VAL A 189 -16.73 -30.78 26.62
CA VAL A 189 -16.80 -29.61 25.75
C VAL A 189 -17.18 -29.96 24.32
N VAL A 190 -17.01 -31.22 23.91
CA VAL A 190 -17.39 -31.61 22.55
C VAL A 190 -18.91 -31.50 22.41
N PRO A 191 -19.42 -30.86 21.35
CA PRO A 191 -20.87 -30.64 21.25
C PRO A 191 -21.66 -31.93 21.20
N ASP A 192 -22.89 -31.86 21.70
CA ASP A 192 -23.73 -33.05 21.81
C ASP A 192 -24.07 -33.60 20.43
N GLY A 193 -23.96 -34.91 20.29
CA GLY A 193 -24.11 -35.58 19.01
C GLY A 193 -22.82 -35.75 18.24
N GLU A 194 -21.73 -35.16 18.69
CA GLU A 194 -20.43 -35.28 18.03
C GLU A 194 -19.48 -36.05 18.92
N THR A 195 -18.67 -36.91 18.30
CA THR A 195 -17.67 -37.69 19.02
C THR A 195 -16.28 -37.35 18.51
N ARG A 196 -15.28 -37.62 19.33
CA ARG A 196 -13.89 -37.43 18.97
C ARG A 196 -13.16 -38.73 19.31
N LYS A 197 -12.63 -39.40 18.29
CA LYS A 197 -12.05 -40.72 18.47
C LYS A 197 -10.54 -40.64 18.25
N ILE A 198 -9.80 -41.43 19.03
CA ILE A 198 -8.35 -41.52 18.85
C ILE A 198 -8.11 -42.39 17.61
N LYS A 199 -7.81 -41.74 16.49
CA LYS A 199 -7.52 -42.46 15.26
C LYS A 199 -6.25 -43.29 15.39
N HIS A 200 -5.22 -42.73 16.01
CA HIS A 200 -3.92 -43.38 16.10
C HIS A 200 -3.80 -43.98 17.50
N LEU A 201 -4.19 -45.26 17.61
CA LEU A 201 -4.24 -45.94 18.89
C LEU A 201 -2.91 -46.59 19.25
N ARG A 202 -2.09 -46.95 18.26
CA ARG A 202 -0.75 -47.44 18.55
C ARG A 202 0.11 -46.36 19.19
N VAL A 203 0.02 -45.13 18.67
CA VAL A 203 0.77 -44.02 19.24
C VAL A 203 0.26 -43.70 20.64
N PHE A 204 -1.06 -43.75 20.83
CA PHE A 204 -1.64 -43.45 22.14
C PHE A 204 -1.18 -44.44 23.20
N PHE A 205 -1.09 -45.72 22.85
CA PHE A 205 -0.63 -46.73 23.81
C PHE A 205 0.81 -46.49 24.23
N VAL A 206 1.67 -46.17 23.27
CA VAL A 206 3.09 -45.99 23.58
C VAL A 206 3.31 -44.74 24.41
N THR A 207 2.66 -43.64 24.05
CA THR A 207 2.85 -42.38 24.76
C THR A 207 2.23 -42.41 26.15
N ALA A 208 1.02 -42.96 26.29
CA ALA A 208 0.36 -42.98 27.59
C ALA A 208 1.09 -43.90 28.55
N ALA A 209 1.66 -45.00 28.05
CA ALA A 209 2.47 -45.86 28.91
C ALA A 209 3.71 -45.14 29.38
N TRP A 210 4.33 -44.34 28.51
CA TRP A 210 5.55 -43.63 28.87
C TRP A 210 5.29 -42.54 29.91
N SER A 211 4.13 -41.88 29.83
CA SER A 211 3.80 -40.84 30.80
C SER A 211 3.49 -41.45 32.16
N ILE A 212 2.78 -42.58 32.19
CA ILE A 212 2.50 -43.26 33.46
C ILE A 212 3.76 -43.88 34.04
N PHE A 213 4.64 -44.41 33.18
CA PHE A 213 5.91 -44.94 33.66
C PHE A 213 6.79 -43.86 34.27
N ALA A 214 6.64 -42.62 33.81
CA ALA A 214 7.44 -41.51 34.35
C ALA A 214 7.21 -41.37 35.85
N TYR A 215 5.98 -41.55 36.29
CA TYR A 215 5.67 -41.46 37.71
C TYR A 215 5.96 -42.76 38.43
N THR A 216 5.92 -43.89 37.72
CA THR A 216 6.37 -45.15 38.30
C THR A 216 7.89 -45.14 38.49
N TRP A 217 8.63 -44.65 37.49
CA TRP A 217 10.08 -44.56 37.59
C TRP A 217 10.51 -43.62 38.70
N LEU A 218 9.70 -42.58 38.97
CA LEU A 218 9.97 -41.69 40.08
C LEU A 218 9.91 -42.44 41.41
N TYR A 219 8.99 -43.39 41.52
CA TYR A 219 8.92 -44.23 42.72
C TYR A 219 10.12 -45.15 42.82
N ILE A 220 10.64 -45.61 41.68
CA ILE A 220 11.74 -46.59 41.66
C ILE A 220 13.00 -45.99 42.28
N ILE A 221 13.33 -44.76 41.89
CA ILE A 221 14.57 -44.17 42.36
C ILE A 221 14.49 -43.74 43.82
N LEU A 222 13.29 -43.45 44.32
CA LEU A 222 13.14 -43.06 45.71
C LEU A 222 12.99 -44.25 46.65
N SER A 223 12.45 -45.37 46.18
CA SER A 223 12.11 -46.47 47.07
C SER A 223 12.77 -47.78 46.71
N VAL A 224 12.96 -48.07 45.42
CA VAL A 224 13.46 -49.39 45.02
C VAL A 224 14.99 -49.40 44.95
N ILE A 225 15.58 -48.52 44.16
CA ILE A 225 17.03 -48.48 43.98
C ILE A 225 17.61 -47.42 44.90
N SER A 226 18.36 -47.85 45.92
CA SER A 226 18.96 -47.00 46.94
C SER A 226 17.90 -46.09 47.54
N PRO A 227 17.04 -46.62 48.41
CA PRO A 227 15.86 -45.86 48.84
C PRO A 227 16.23 -44.62 49.63
N GLY A 228 15.46 -43.55 49.41
CA GLY A 228 15.62 -42.31 50.14
C GLY A 228 16.72 -41.41 49.63
N VAL A 229 17.48 -41.82 48.63
CA VAL A 229 18.60 -41.08 48.09
C VAL A 229 18.45 -41.04 46.57
N VAL A 230 18.77 -39.90 45.97
CA VAL A 230 18.81 -39.78 44.51
C VAL A 230 20.27 -39.69 44.09
N GLU A 231 20.71 -40.63 43.27
CA GLU A 231 22.10 -40.69 42.82
C GLU A 231 22.29 -39.84 41.57
N VAL A 232 23.55 -39.68 41.17
CA VAL A 232 23.85 -38.88 40.00
C VAL A 232 23.30 -39.53 38.74
N TRP A 233 23.52 -40.83 38.59
CA TRP A 233 23.01 -41.55 37.42
C TRP A 233 21.49 -41.64 37.43
N GLU A 234 20.87 -41.66 38.60
CA GLU A 234 19.42 -41.63 38.69
C GLU A 234 18.86 -40.30 38.21
N GLY A 235 19.51 -39.20 38.59
CA GLY A 235 19.05 -37.89 38.14
C GLY A 235 19.24 -37.69 36.66
N LEU A 236 20.39 -38.09 36.12
CA LEU A 236 20.65 -37.92 34.69
C LEU A 236 19.76 -38.83 33.84
N LEU A 237 19.57 -40.07 34.27
CA LEU A 237 18.74 -40.99 33.49
C LEU A 237 17.28 -40.53 33.45
N THR A 238 16.82 -39.85 34.51
CA THR A 238 15.50 -39.23 34.46
C THR A 238 15.46 -38.13 33.40
N PHE A 239 16.52 -37.33 33.32
CA PHE A 239 16.57 -36.25 32.34
C PHE A 239 16.71 -36.79 30.92
N PHE A 240 17.48 -37.86 30.73
CA PHE A 240 17.72 -38.40 29.39
C PHE A 240 16.54 -39.17 28.83
N PHE A 241 15.48 -39.40 29.62
CA PHE A 241 14.25 -39.90 29.04
C PHE A 241 13.50 -38.82 28.26
N PHE A 242 13.78 -37.54 28.52
CA PHE A 242 13.15 -36.48 27.73
C PHE A 242 13.54 -36.50 26.25
N PRO A 243 14.83 -36.65 25.87
CA PRO A 243 15.12 -36.79 24.44
C PRO A 243 14.45 -37.99 23.79
N ILE A 244 14.19 -39.06 24.54
CA ILE A 244 13.46 -40.21 24.00
C ILE A 244 12.06 -39.78 23.58
N CYS A 245 11.44 -38.87 24.33
CA CYS A 245 10.17 -38.29 23.91
C CYS A 245 10.31 -37.50 22.62
N VAL A 246 11.43 -36.78 22.47
CA VAL A 246 11.63 -35.93 21.30
C VAL A 246 11.86 -36.77 20.05
N VAL A 247 12.71 -37.80 20.15
CA VAL A 247 13.01 -38.63 18.99
C VAL A 247 11.78 -39.44 18.57
N PHE A 248 11.01 -39.94 19.53
CA PHE A 248 9.81 -40.70 19.19
C PHE A 248 8.80 -39.82 18.48
N ALA A 249 8.70 -38.54 18.86
CA ALA A 249 7.82 -37.62 18.16
C ALA A 249 8.24 -37.43 16.71
N TRP A 250 9.55 -37.31 16.48
CA TRP A 250 10.04 -37.17 15.11
C TRP A 250 9.87 -38.46 14.33
N VAL A 251 10.08 -39.61 14.98
CA VAL A 251 9.89 -40.90 14.33
C VAL A 251 8.43 -41.11 13.97
N ALA A 252 7.52 -40.75 14.88
CA ALA A 252 6.10 -41.00 14.65
C ALA A 252 5.56 -40.19 13.47
N ASP A 253 6.02 -38.95 13.31
CA ASP A 253 5.59 -38.15 12.17
C ASP A 253 6.08 -38.72 10.86
N ARG A 254 7.32 -39.23 10.83
CA ARG A 254 7.87 -39.75 9.59
C ARG A 254 7.20 -41.06 9.21
N ARG A 255 7.15 -42.02 10.12
CA ARG A 255 6.77 -43.38 9.78
C ARG A 255 5.49 -43.87 10.43
N LEU A 256 5.22 -43.52 11.68
CA LEU A 256 4.01 -44.04 12.33
C LEU A 256 2.75 -43.33 11.81
N LEU A 257 2.83 -42.02 11.60
CA LEU A 257 1.66 -41.28 11.15
C LEU A 257 1.60 -41.10 9.64
N PHE A 258 2.76 -40.96 8.99
CA PHE A 258 2.87 -40.53 7.60
C PHE A 258 2.14 -39.20 7.39
N PRO A 380 17.62 -3.39 -77.52
CA PRO A 380 16.63 -2.47 -76.94
C PRO A 380 17.09 -1.01 -76.99
N VAL A 381 16.16 -0.10 -77.28
CA VAL A 381 16.49 1.32 -77.36
C VAL A 381 16.70 1.89 -75.96
N SER A 382 17.37 3.04 -75.91
CA SER A 382 17.63 3.71 -74.65
C SER A 382 16.34 4.24 -74.03
N LYS A 383 16.26 4.15 -72.70
CA LYS A 383 15.13 4.67 -71.95
C LYS A 383 15.62 5.48 -70.76
N ILE A 384 14.80 6.45 -70.36
CA ILE A 384 15.15 7.39 -69.30
C ILE A 384 14.17 7.18 -68.15
N PHE A 385 14.72 6.98 -66.95
CA PHE A 385 13.91 6.61 -65.80
C PHE A 385 14.64 7.00 -64.51
N PHE A 386 13.90 6.96 -63.41
CA PHE A 386 14.43 7.39 -62.11
C PHE A 386 15.14 6.25 -61.39
N GLU A 387 16.03 6.63 -60.48
CA GLU A 387 16.74 5.64 -59.66
C GLU A 387 15.79 4.94 -58.71
N GLN A 388 15.00 5.70 -57.96
CA GLN A 388 14.19 5.16 -56.87
C GLN A 388 12.70 5.30 -57.13
N GLY A 389 12.24 6.47 -57.56
CA GLY A 389 10.84 6.69 -57.82
C GLY A 389 10.04 7.21 -56.65
N THR A 390 10.63 7.25 -55.45
CA THR A 390 9.95 7.82 -54.29
C THR A 390 11.03 8.27 -53.31
N TYR A 391 11.24 9.57 -53.20
CA TYR A 391 12.29 10.14 -52.37
C TYR A 391 11.69 10.70 -51.09
N GLN A 392 12.53 10.81 -50.06
CA GLN A 392 12.12 11.34 -48.77
C GLN A 392 13.20 12.28 -48.26
N CYS A 393 12.80 13.48 -47.85
CA CYS A 393 13.72 14.46 -47.32
C CYS A 393 13.06 15.25 -46.19
N LEU A 394 13.89 15.77 -45.30
CA LEU A 394 13.39 16.64 -44.25
C LEU A 394 13.11 18.04 -44.81
N GLU A 395 12.38 18.82 -44.02
CA GLU A 395 12.03 20.17 -44.47
C GLU A 395 13.21 21.12 -44.40
N ASN A 396 14.19 20.84 -43.53
CA ASN A 396 15.30 21.74 -43.30
C ASN A 396 16.53 21.43 -44.16
N CYS A 397 16.44 20.46 -45.07
CA CYS A 397 17.58 20.15 -45.93
C CYS A 397 17.90 21.31 -46.87
N GLY A 398 16.87 21.92 -47.45
CA GLY A 398 17.06 23.03 -48.35
C GLY A 398 16.92 22.63 -49.80
N THR A 399 17.52 21.50 -50.16
CA THR A 399 17.39 20.92 -51.50
C THR A 399 17.24 19.41 -51.37
N VAL A 400 16.50 18.83 -52.31
CA VAL A 400 16.30 17.39 -52.37
C VAL A 400 16.98 16.88 -53.63
N ALA A 401 17.67 15.74 -53.52
CA ALA A 401 18.48 15.18 -54.59
C ALA A 401 17.70 14.07 -55.29
N LEU A 402 17.26 14.33 -56.51
CA LEU A 402 16.72 13.30 -57.38
C LEU A 402 17.78 12.90 -58.40
N THR A 403 17.55 11.78 -59.07
CA THR A 403 18.56 11.22 -59.96
C THR A 403 17.89 10.65 -61.20
N ILE A 404 18.41 11.02 -62.38
CA ILE A 404 17.85 10.64 -63.66
C ILE A 404 18.87 9.79 -64.40
N ILE A 405 18.44 8.63 -64.92
CA ILE A 405 19.33 7.63 -65.48
C ILE A 405 18.87 7.28 -66.89
N ARG A 406 19.81 7.27 -67.84
CA ARG A 406 19.58 6.79 -69.19
C ARG A 406 20.35 5.48 -69.35
N ARG A 407 19.65 4.42 -69.75
CA ARG A 407 20.25 3.12 -69.98
C ARG A 407 19.70 2.51 -71.25
N GLY A 408 20.55 1.77 -71.97
CA GLY A 408 20.15 1.06 -73.16
C GLY A 408 20.56 1.77 -74.43
N GLY A 409 20.24 1.13 -75.55
CA GLY A 409 20.54 1.70 -76.86
C GLY A 409 22.03 1.89 -77.07
N ASP A 410 22.39 3.07 -77.58
CA ASP A 410 23.77 3.45 -77.77
C ASP A 410 24.07 4.63 -76.85
N LEU A 411 25.10 4.50 -76.02
CA LEU A 411 25.43 5.55 -75.06
C LEU A 411 26.20 6.71 -75.69
N THR A 412 26.65 6.57 -76.93
CA THR A 412 27.36 7.64 -77.62
C THR A 412 26.38 8.53 -78.39
N ASN A 413 25.45 9.11 -77.63
CA ASN A 413 24.43 9.97 -78.21
C ASN A 413 24.06 11.05 -77.19
N THR A 414 23.26 12.01 -77.65
CA THR A 414 22.79 13.12 -76.83
C THR A 414 21.28 13.00 -76.64
N VAL A 415 20.83 13.08 -75.40
CA VAL A 415 19.41 12.96 -75.06
C VAL A 415 18.96 14.25 -74.40
N PHE A 416 17.86 14.81 -74.88
CA PHE A 416 17.28 16.04 -74.34
C PHE A 416 15.96 15.70 -73.68
N VAL A 417 15.83 16.06 -72.39
CA VAL A 417 14.62 15.77 -71.63
C VAL A 417 14.32 16.97 -70.73
N ASP A 418 13.02 17.23 -70.52
CA ASP A 418 12.56 18.30 -69.66
C ASP A 418 11.94 17.72 -68.41
N PHE A 419 12.09 18.41 -67.28
CA PHE A 419 11.44 18.04 -66.04
C PHE A 419 10.77 19.25 -65.43
N ARG A 420 9.69 19.01 -64.69
CA ARG A 420 8.87 20.07 -64.12
C ARG A 420 8.20 19.52 -62.87
N THR A 421 8.04 20.39 -61.88
CA THR A 421 7.47 20.02 -60.59
C THR A 421 6.03 20.53 -60.51
N GLU A 422 5.12 19.65 -60.12
CA GLU A 422 3.70 19.96 -60.08
C GLU A 422 3.16 19.67 -58.69
N ASP A 423 2.18 20.45 -58.26
CA ASP A 423 1.75 20.45 -56.87
C ASP A 423 1.03 19.16 -56.50
N GLY A 424 1.35 18.63 -55.33
CA GLY A 424 0.60 17.52 -54.77
C GLY A 424 -0.20 17.97 -53.56
N THR A 425 0.18 17.50 -52.38
CA THR A 425 -0.35 18.05 -51.14
C THR A 425 0.53 19.17 -50.60
N ALA A 426 1.67 19.43 -51.22
CA ALA A 426 2.51 20.58 -50.92
C ALA A 426 2.39 21.58 -52.07
N ASN A 427 2.36 22.87 -51.73
CA ASN A 427 2.09 23.93 -52.67
C ASN A 427 3.37 24.69 -53.03
N ALA A 428 3.53 24.99 -54.32
CA ALA A 428 4.69 25.74 -54.78
C ALA A 428 4.63 27.18 -54.26
N GLY A 429 5.79 27.68 -53.85
CA GLY A 429 5.90 29.02 -53.31
C GLY A 429 5.72 29.10 -51.80
N SER A 430 5.14 28.08 -51.19
CA SER A 430 4.99 27.99 -49.75
C SER A 430 5.72 26.80 -49.16
N ASP A 431 5.76 25.68 -49.87
CA ASP A 431 6.43 24.48 -49.40
C ASP A 431 7.64 24.08 -50.22
N TYR A 432 7.68 24.43 -51.51
CA TYR A 432 8.82 24.05 -52.34
C TYR A 432 9.04 25.15 -53.38
N GLU A 433 10.22 25.10 -54.01
CA GLU A 433 10.58 26.03 -55.07
C GLU A 433 10.30 25.39 -56.42
N PHE A 434 9.56 26.10 -57.27
CA PHE A 434 9.18 25.57 -58.57
C PHE A 434 10.37 25.60 -59.53
N THR A 435 10.58 24.49 -60.24
CA THR A 435 11.72 24.35 -61.14
C THR A 435 11.27 23.64 -62.41
N GLU A 436 11.67 24.16 -63.57
CA GLU A 436 11.30 23.59 -64.86
C GLU A 436 12.53 23.52 -65.78
N GLY A 437 13.63 23.04 -65.24
CA GLY A 437 14.88 23.01 -65.99
C GLY A 437 14.89 21.95 -67.06
N THR A 438 16.04 21.85 -67.73
CA THR A 438 16.26 20.92 -68.83
C THR A 438 17.51 20.09 -68.53
N VAL A 439 17.43 18.79 -68.82
CA VAL A 439 18.51 17.86 -68.54
C VAL A 439 19.02 17.32 -69.86
N VAL A 440 20.34 17.38 -70.05
CA VAL A 440 21.00 16.88 -71.25
C VAL A 440 21.94 15.75 -70.86
N PHE A 441 21.98 14.70 -71.67
CA PHE A 441 22.87 13.57 -71.45
C PHE A 441 23.98 13.60 -72.50
N LYS A 442 25.22 13.74 -72.03
CA LYS A 442 26.37 13.71 -72.91
C LYS A 442 26.62 12.29 -73.40
N PRO A 443 27.29 12.14 -74.55
CA PRO A 443 27.68 10.79 -74.99
C PRO A 443 28.66 10.15 -74.02
N GLY A 444 28.34 8.93 -73.60
CA GLY A 444 29.10 8.26 -72.57
C GLY A 444 28.69 8.60 -71.16
N ASP A 445 27.62 9.37 -70.97
CA ASP A 445 27.11 9.73 -69.66
C ASP A 445 25.75 9.07 -69.47
N THR A 446 25.51 8.56 -68.25
CA THR A 446 24.30 7.81 -67.97
C THR A 446 23.50 8.35 -66.78
N GLN A 447 23.94 9.41 -66.13
CA GLN A 447 23.27 9.88 -64.92
C GLN A 447 23.44 11.38 -64.76
N LYS A 448 22.41 12.02 -64.22
CA LYS A 448 22.42 13.43 -63.89
C LYS A 448 21.72 13.66 -62.56
N GLU A 449 22.22 14.61 -61.78
CA GLU A 449 21.65 14.96 -60.48
C GLU A 449 20.87 16.27 -60.62
N ILE A 450 19.60 16.24 -60.25
CA ILE A 450 18.75 17.43 -60.23
C ILE A 450 18.38 17.75 -58.80
N ARG A 451 18.33 19.05 -58.48
CA ARG A 451 18.05 19.52 -57.13
C ARG A 451 16.78 20.36 -57.16
N VAL A 452 15.88 20.10 -56.21
CA VAL A 452 14.64 20.85 -56.06
C VAL A 452 14.64 21.50 -54.68
N GLY A 453 14.46 22.81 -54.65
CA GLY A 453 14.51 23.53 -53.40
C GLY A 453 13.32 23.25 -52.51
N ILE A 454 13.55 23.34 -51.21
CA ILE A 454 12.52 23.16 -50.19
C ILE A 454 12.48 24.42 -49.35
N ILE A 455 11.33 25.11 -49.35
CA ILE A 455 11.17 26.31 -48.54
C ILE A 455 10.89 25.91 -47.11
N ASP A 456 11.68 26.45 -46.18
CA ASP A 456 11.58 26.11 -44.78
C ASP A 456 10.84 27.20 -44.02
N ASP A 457 10.15 26.79 -42.96
CA ASP A 457 9.51 27.72 -42.03
C ASP A 457 9.41 27.04 -40.67
N ASP A 458 8.68 27.65 -39.75
CA ASP A 458 8.56 27.15 -38.40
C ASP A 458 7.19 26.57 -38.08
N ILE A 459 6.30 26.49 -39.06
CA ILE A 459 4.93 26.06 -38.83
C ILE A 459 4.86 24.54 -38.87
N PHE A 460 4.17 23.95 -37.89
CA PHE A 460 3.94 22.51 -37.90
C PHE A 460 3.05 22.14 -39.08
N GLU A 461 3.43 21.08 -39.79
CA GLU A 461 2.67 20.57 -40.92
C GLU A 461 2.71 19.05 -40.91
N GLU A 462 1.75 18.45 -41.60
CA GLU A 462 1.75 17.02 -41.79
C GLU A 462 2.64 16.64 -42.98
N ASP A 463 2.75 15.34 -43.21
CA ASP A 463 3.58 14.85 -44.31
C ASP A 463 2.97 15.23 -45.64
N GLU A 464 3.74 15.93 -46.47
CA GLU A 464 3.26 16.38 -47.77
C GLU A 464 4.18 15.86 -48.87
N ASN A 465 3.68 15.91 -50.10
CA ASN A 465 4.43 15.38 -51.24
C ASN A 465 4.04 16.15 -52.50
N PHE A 466 4.91 16.06 -53.52
CA PHE A 466 4.65 16.71 -54.79
C PHE A 466 5.08 15.78 -55.91
N LEU A 467 4.58 16.06 -57.11
CA LEU A 467 4.84 15.23 -58.28
C LEU A 467 5.82 15.93 -59.22
N VAL A 468 6.77 15.15 -59.74
CA VAL A 468 7.72 15.62 -60.74
C VAL A 468 7.57 14.76 -61.99
N HIS A 469 7.48 15.41 -63.15
CA HIS A 469 7.16 14.74 -64.40
C HIS A 469 8.21 15.03 -65.46
N LEU A 470 8.49 14.03 -66.29
CA LEU A 470 9.40 14.17 -67.41
C LEU A 470 8.70 13.85 -68.72
N SER A 471 9.06 14.58 -69.77
CA SER A 471 8.50 14.40 -71.09
C SER A 471 9.43 15.08 -72.09
N ASN A 472 9.01 15.06 -73.36
CA ASN A 472 9.74 15.68 -74.48
C ASN A 472 11.15 15.11 -74.59
N VAL A 473 11.22 13.79 -74.70
CA VAL A 473 12.51 13.11 -74.87
C VAL A 473 12.93 13.26 -76.33
N LYS A 474 14.10 13.86 -76.55
CA LYS A 474 14.58 14.15 -77.88
C LYS A 474 16.07 13.85 -77.98
N VAL A 475 16.50 13.54 -79.20
CA VAL A 475 17.92 13.28 -79.49
C VAL A 475 18.36 14.20 -80.63
N SER A 476 19.57 14.72 -80.51
CA SER A 476 20.13 15.58 -81.55
C SER A 476 20.82 14.74 -82.61
N SER A 477 20.65 15.16 -83.87
CA SER A 477 21.24 14.49 -85.04
C SER A 477 20.87 13.01 -85.13
N THR A 492 11.44 7.08 -80.79
CA THR A 492 11.87 5.73 -81.13
C THR A 492 13.26 5.45 -80.56
N LEU A 493 14.19 6.38 -80.82
CA LEU A 493 15.55 6.22 -80.31
C LEU A 493 15.60 6.28 -78.78
N ALA A 494 14.82 7.17 -78.18
CA ALA A 494 14.79 7.30 -76.73
C ALA A 494 13.41 7.73 -76.29
N CYS A 495 12.87 7.06 -75.26
CA CYS A 495 11.55 7.37 -74.74
C CYS A 495 11.55 7.11 -73.24
N LEU A 496 10.58 7.73 -72.55
CA LEU A 496 10.41 7.51 -71.12
C LEU A 496 9.84 6.12 -70.86
N GLY A 497 10.29 5.53 -69.77
CA GLY A 497 9.84 4.22 -69.32
C GLY A 497 9.56 4.28 -67.84
N SER A 498 9.31 3.12 -67.23
CA SER A 498 9.01 3.07 -65.79
C SER A 498 10.24 3.27 -64.93
N PRO A 499 10.12 4.07 -63.86
CA PRO A 499 9.07 5.07 -63.66
C PRO A 499 9.52 6.43 -64.20
N SER A 500 8.57 7.35 -64.39
CA SER A 500 8.91 8.67 -64.92
C SER A 500 8.36 9.78 -64.01
N THR A 501 7.74 9.37 -62.91
CA THR A 501 7.18 10.30 -61.94
C THR A 501 7.53 9.84 -60.54
N ALA A 502 8.08 10.76 -59.75
CA ALA A 502 8.50 10.46 -58.38
C ALA A 502 7.65 11.24 -57.38
N THR A 503 7.33 10.60 -56.27
CA THR A 503 6.60 11.22 -55.17
C THR A 503 7.59 11.50 -54.05
N VAL A 504 7.94 12.77 -53.86
CA VAL A 504 8.95 13.19 -52.90
C VAL A 504 8.25 13.72 -51.66
N THR A 505 8.48 13.07 -50.52
CA THR A 505 7.82 13.40 -49.27
C THR A 505 8.57 14.53 -48.56
N ILE A 506 7.87 15.22 -47.66
CA ILE A 506 8.45 16.30 -46.85
C ILE A 506 8.13 15.94 -45.40
N PHE A 507 9.13 15.44 -44.68
CA PHE A 507 8.98 15.26 -43.25
C PHE A 507 9.16 16.60 -42.55
N ASP A 508 8.25 16.94 -41.64
CA ASP A 508 8.22 18.25 -41.01
C ASP A 508 8.71 18.14 -39.56
N ASP A 509 9.67 18.99 -39.21
CA ASP A 509 10.36 18.94 -37.93
C ASP A 509 10.03 20.13 -37.02
N ASP A 510 8.86 20.74 -37.21
CA ASP A 510 8.54 22.00 -36.56
C ASP A 510 7.69 21.84 -35.31
N HIS A 511 7.55 20.63 -34.78
CA HIS A 511 6.80 20.43 -33.55
C HIS A 511 7.59 21.01 -32.38
N ALA A 512 6.91 21.75 -31.53
CA ALA A 512 7.58 22.57 -30.52
C ALA A 512 8.00 21.81 -29.28
N GLY A 513 7.65 20.51 -29.17
CA GLY A 513 8.19 19.70 -28.11
C GLY A 513 7.17 18.91 -27.31
N ILE A 514 7.62 17.87 -26.64
CA ILE A 514 6.80 17.06 -25.74
C ILE A 514 7.59 16.94 -24.45
N PHE A 515 7.07 17.53 -23.37
CA PHE A 515 7.88 17.88 -22.20
C PHE A 515 7.63 16.86 -21.08
N THR A 516 8.66 16.10 -20.74
CA THR A 516 8.57 15.11 -19.68
C THR A 516 9.80 15.17 -18.79
N PHE A 517 9.63 14.69 -17.56
CA PHE A 517 10.77 14.33 -16.75
C PHE A 517 11.35 13.00 -17.21
N GLU A 518 12.62 12.79 -16.90
CA GLU A 518 13.32 11.60 -17.38
C GLU A 518 12.74 10.33 -16.76
N GLU A 519 12.43 10.35 -15.46
CA GLU A 519 12.03 9.14 -14.77
C GLU A 519 11.11 9.50 -13.61
N PRO A 520 10.23 8.58 -13.19
CA PRO A 520 9.26 8.93 -12.12
C PRO A 520 9.89 9.17 -10.76
N VAL A 521 10.76 8.28 -10.31
CA VAL A 521 11.27 8.29 -8.94
C VAL A 521 12.76 8.49 -8.98
N THR A 522 13.26 9.44 -8.20
CA THR A 522 14.67 9.79 -8.14
C THR A 522 15.15 9.65 -6.70
N HIS A 523 16.27 8.95 -6.52
CA HIS A 523 16.85 8.70 -5.20
C HIS A 523 18.06 9.61 -5.04
N VAL A 524 18.06 10.41 -3.98
CA VAL A 524 19.04 11.48 -3.79
C VAL A 524 19.68 11.34 -2.42
N SER A 525 21.02 11.36 -2.38
CA SER A 525 21.71 11.46 -1.11
C SER A 525 21.41 12.79 -0.45
N GLU A 526 21.14 12.76 0.86
CA GLU A 526 20.72 13.97 1.55
C GLU A 526 21.84 15.00 1.62
N SER A 527 23.08 14.54 1.80
CA SER A 527 24.23 15.43 1.86
C SER A 527 24.73 15.71 0.45
N ILE A 528 23.88 16.41 -0.31
CA ILE A 528 24.18 16.84 -1.66
C ILE A 528 23.90 18.35 -1.73
N GLY A 529 24.72 19.07 -2.50
CA GLY A 529 24.56 20.51 -2.55
C GLY A 529 23.31 20.94 -3.29
N ILE A 530 23.24 20.63 -4.59
CA ILE A 530 22.15 21.06 -5.45
C ILE A 530 21.82 19.93 -6.42
N MET A 531 20.53 19.60 -6.54
CA MET A 531 20.09 18.65 -7.56
C MET A 531 20.02 19.31 -8.93
N GLU A 532 20.19 18.48 -9.96
CA GLU A 532 19.96 18.91 -11.34
C GLU A 532 19.01 17.91 -12.00
N VAL A 533 17.71 18.14 -11.81
CA VAL A 533 16.70 17.36 -12.51
C VAL A 533 16.66 17.82 -13.96
N LYS A 534 16.61 16.88 -14.89
CA LYS A 534 16.59 17.19 -16.31
C LYS A 534 15.17 17.14 -16.81
N VAL A 535 14.78 18.17 -17.55
CA VAL A 535 13.49 18.24 -18.24
C VAL A 535 13.78 18.09 -19.73
N LEU A 536 13.28 17.01 -20.33
CA LEU A 536 13.67 16.63 -21.67
C LEU A 536 12.59 17.03 -22.66
N ARG A 537 12.98 17.79 -23.68
CA ARG A 537 12.08 18.23 -24.74
C ARG A 537 12.27 17.23 -25.88
N THR A 538 11.40 16.21 -25.91
CA THR A 538 11.73 15.00 -26.65
C THR A 538 11.42 15.10 -28.14
N SER A 539 10.19 15.48 -28.50
CA SER A 539 9.65 15.18 -29.82
C SER A 539 9.82 16.30 -30.83
N GLY A 540 10.68 17.27 -30.56
CA GLY A 540 10.96 18.31 -31.52
C GLY A 540 11.33 19.59 -30.81
N ALA A 541 11.70 20.59 -31.60
CA ALA A 541 12.07 21.88 -31.06
C ALA A 541 11.84 22.97 -32.10
N ARG A 542 11.05 23.99 -31.72
CA ARG A 542 10.87 25.13 -32.61
C ARG A 542 10.42 26.30 -31.73
N GLY A 543 11.30 27.29 -31.56
CA GLY A 543 10.95 28.51 -30.86
C GLY A 543 11.11 28.39 -29.36
N ASN A 544 11.29 29.54 -28.71
CA ASN A 544 11.44 29.56 -27.27
C ASN A 544 10.13 29.22 -26.59
N VAL A 545 10.21 28.36 -25.57
CA VAL A 545 9.02 27.86 -24.89
C VAL A 545 9.24 27.90 -23.39
N ILE A 546 8.67 28.90 -22.71
CA ILE A 546 8.71 28.92 -21.24
C ILE A 546 7.93 27.75 -20.66
N VAL A 547 8.52 27.09 -19.66
CA VAL A 547 7.90 25.95 -19.00
C VAL A 547 7.90 26.21 -17.50
N PRO A 548 6.78 26.61 -16.91
CA PRO A 548 6.74 26.82 -15.46
C PRO A 548 6.99 25.52 -14.69
N TYR A 549 7.61 25.66 -13.52
CA TYR A 549 7.88 24.53 -12.64
C TYR A 549 7.68 24.99 -11.20
N LYS A 550 7.63 24.02 -10.29
CA LYS A 550 7.51 24.34 -8.87
C LYS A 550 7.91 23.12 -8.07
N THR A 551 7.92 23.29 -6.74
CA THR A 551 8.26 22.25 -5.81
C THR A 551 7.09 22.04 -4.86
N ILE A 552 6.73 20.78 -4.64
CA ILE A 552 5.64 20.41 -3.76
C ILE A 552 6.21 19.55 -2.65
N GLU A 553 6.03 19.98 -1.39
CA GLU A 553 6.63 19.29 -0.26
C GLU A 553 5.67 18.24 0.28
N GLY A 554 6.21 17.05 0.53
CA GLY A 554 5.47 15.97 1.14
C GLY A 554 5.98 15.71 2.55
N THR A 555 6.55 14.52 2.75
CA THR A 555 7.22 14.25 4.02
C THR A 555 8.42 15.18 4.22
N ALA A 556 9.19 15.41 3.16
CA ALA A 556 10.31 16.36 3.22
C ALA A 556 9.75 17.77 3.14
N ARG A 557 9.41 18.31 4.30
CA ARG A 557 8.82 19.64 4.35
C ARG A 557 9.82 20.70 3.94
N GLY A 558 9.41 21.57 3.03
CA GLY A 558 10.28 22.62 2.50
C GLY A 558 10.29 23.85 3.39
N GLY A 559 10.49 25.00 2.75
CA GLY A 559 10.63 26.25 3.46
C GLY A 559 12.03 26.59 3.90
N GLY A 560 13.03 25.82 3.46
CA GLY A 560 14.40 26.01 3.86
C GLY A 560 14.88 25.06 4.93
N GLU A 561 13.96 24.42 5.67
CA GLU A 561 14.37 23.56 6.77
C GLU A 561 14.92 22.23 6.28
N ASP A 562 14.40 21.71 5.16
CA ASP A 562 14.86 20.43 4.64
C ASP A 562 15.12 20.50 3.14
N PHE A 563 14.52 21.47 2.44
CA PHE A 563 14.95 21.84 1.09
C PHE A 563 14.57 23.29 0.90
N GLU A 564 15.20 23.93 -0.08
CA GLU A 564 14.92 25.33 -0.39
C GLU A 564 13.79 25.36 -1.40
N ASP A 565 12.66 25.93 -1.00
CA ASP A 565 11.51 26.00 -1.89
C ASP A 565 11.83 26.89 -3.09
N THR A 566 11.55 26.36 -4.28
CA THR A 566 11.83 27.09 -5.51
C THR A 566 10.69 26.88 -6.48
N CYS A 567 10.45 27.90 -7.30
CA CYS A 567 9.44 27.89 -8.35
C CYS A 567 9.78 29.03 -9.31
N GLY A 568 9.48 28.83 -10.58
CA GLY A 568 9.85 29.81 -11.57
C GLY A 568 9.45 29.36 -12.95
N GLU A 569 10.08 29.99 -13.95
CA GLU A 569 9.70 29.83 -15.35
C GLU A 569 10.97 29.64 -16.16
N LEU A 570 11.43 28.40 -16.28
CA LEU A 570 12.57 28.16 -17.16
C LEU A 570 12.12 28.23 -18.61
N GLU A 571 13.05 28.61 -19.49
CA GLU A 571 12.73 28.89 -20.87
C GLU A 571 13.70 28.13 -21.76
N PHE A 572 13.17 27.23 -22.58
CA PHE A 572 13.98 26.60 -23.60
C PHE A 572 14.22 27.58 -24.74
N GLN A 573 15.36 27.45 -25.40
CA GLN A 573 15.62 28.22 -26.60
C GLN A 573 15.25 27.38 -27.81
N ASN A 574 15.52 27.90 -29.00
CA ASN A 574 15.23 27.15 -30.21
C ASN A 574 16.29 26.06 -30.38
N ASP A 575 15.83 24.86 -30.77
CA ASP A 575 16.69 23.71 -31.03
C ASP A 575 17.58 23.41 -29.83
N GLU A 576 16.98 23.45 -28.64
CA GLU A 576 17.63 23.11 -27.39
C GLU A 576 16.72 22.17 -26.62
N ILE A 577 17.17 20.93 -26.41
CA ILE A 577 16.26 19.84 -26.07
C ILE A 577 16.36 19.42 -24.61
N VAL A 578 17.17 20.11 -23.80
CA VAL A 578 17.32 19.71 -22.41
C VAL A 578 17.74 20.92 -21.57
N LYS A 579 17.05 21.11 -20.45
CA LYS A 579 17.46 22.06 -19.42
C LYS A 579 17.28 21.43 -18.05
N THR A 580 17.82 22.10 -17.04
CA THR A 580 17.90 21.55 -15.70
C THR A 580 17.12 22.41 -14.72
N ILE A 581 16.63 21.76 -13.67
CA ILE A 581 15.94 22.44 -12.56
C ILE A 581 16.81 22.28 -11.33
N SER A 582 17.21 23.39 -10.73
CA SER A 582 18.14 23.38 -9.60
C SER A 582 17.36 23.51 -8.30
N VAL A 583 17.17 22.38 -7.62
CA VAL A 583 16.61 22.35 -6.27
C VAL A 583 17.68 21.81 -5.33
N LYS A 584 17.85 22.43 -4.18
CA LYS A 584 18.96 22.13 -3.28
C LYS A 584 18.47 21.49 -1.99
N VAL A 585 18.79 20.21 -1.80
CA VAL A 585 18.49 19.52 -0.56
C VAL A 585 19.43 20.02 0.53
N ILE A 586 18.91 20.16 1.75
CA ILE A 586 19.70 20.60 2.91
C ILE A 586 19.72 19.46 3.92
N ASP A 587 20.91 18.94 4.18
CA ASP A 587 21.09 17.83 5.12
C ASP A 587 20.95 18.27 6.57
N ASP A 588 20.62 17.30 7.44
CA ASP A 588 20.55 17.53 8.87
C ASP A 588 21.38 16.50 9.60
N GLU A 589 21.75 16.84 10.84
CA GLU A 589 22.61 15.96 11.65
C GLU A 589 21.91 14.65 11.99
N GLU A 590 20.62 14.70 12.32
CA GLU A 590 19.92 13.55 12.87
C GLU A 590 19.69 12.46 11.83
N TYR A 591 19.62 11.22 12.31
CA TYR A 591 19.33 10.06 11.48
C TYR A 591 17.84 9.82 11.57
N GLU A 592 17.13 10.11 10.49
CA GLU A 592 15.67 10.03 10.44
C GLU A 592 15.23 9.14 9.28
N LYS A 593 13.92 8.99 9.15
CA LYS A 593 13.34 8.19 8.07
C LYS A 593 13.50 8.93 6.74
N ASN A 594 13.50 8.16 5.65
CA ASN A 594 13.65 8.74 4.33
C ASN A 594 12.46 9.61 3.98
N LYS A 595 12.73 10.83 3.52
CA LYS A 595 11.71 11.82 3.25
C LYS A 595 11.58 12.08 1.75
N THR A 596 10.38 12.46 1.33
CA THR A 596 10.07 12.65 -0.08
C THR A 596 9.55 14.06 -0.33
N PHE A 597 9.83 14.59 -1.52
CA PHE A 597 9.11 15.76 -2.01
C PHE A 597 9.02 15.65 -3.53
N PHE A 598 8.23 16.55 -4.12
CA PHE A 598 7.78 16.39 -5.49
C PHE A 598 8.23 17.56 -6.35
N LEU A 599 8.39 17.28 -7.64
CA LEU A 599 8.71 18.29 -8.63
C LEU A 599 7.73 18.15 -9.79
N GLU A 600 7.14 19.26 -10.22
CA GLU A 600 6.12 19.23 -11.25
C GLU A 600 6.26 20.43 -12.16
N ILE A 601 6.15 20.19 -13.47
CA ILE A 601 6.15 21.25 -14.46
C ILE A 601 4.72 21.53 -14.89
N GLY A 602 4.48 22.76 -15.33
CA GLY A 602 3.17 23.23 -15.71
C GLY A 602 2.91 23.11 -17.20
N GLU A 603 1.99 23.92 -17.70
CA GLU A 603 1.60 23.90 -19.10
C GLU A 603 2.47 24.89 -19.86
N PRO A 604 3.24 24.44 -20.85
CA PRO A 604 4.19 25.33 -21.51
C PRO A 604 3.51 26.39 -22.36
N ARG A 605 4.31 27.40 -22.71
CA ARG A 605 3.83 28.54 -23.50
C ARG A 605 4.82 28.82 -24.61
N LEU A 606 4.35 28.79 -25.86
CA LEU A 606 5.21 29.02 -27.02
C LEU A 606 5.36 30.53 -27.17
N VAL A 607 6.40 31.08 -26.54
CA VAL A 607 6.56 32.52 -26.43
C VAL A 607 6.98 33.19 -27.73
N GLU A 608 7.77 32.52 -28.57
CA GLU A 608 8.41 33.20 -29.69
C GLU A 608 8.14 32.45 -30.98
N MET A 609 7.75 33.20 -32.01
CA MET A 609 7.31 32.60 -33.27
C MET A 609 7.54 33.61 -34.39
N SER A 610 7.44 33.12 -35.62
CA SER A 610 7.55 34.00 -36.78
C SER A 610 6.29 34.84 -36.94
N GLU A 611 6.35 35.80 -37.87
CA GLU A 611 5.21 36.67 -38.12
C GLU A 611 4.01 35.88 -38.62
N LYS A 612 4.20 35.05 -39.65
CA LYS A 612 3.06 34.42 -40.29
C LYS A 612 2.55 33.24 -39.46
N LYS A 613 3.38 32.69 -38.57
CA LYS A 613 2.94 31.67 -37.64
C LYS A 613 2.17 32.26 -36.46
N ALA A 614 2.26 33.57 -36.26
CA ALA A 614 1.50 34.24 -35.22
C ALA A 614 0.09 34.60 -35.69
N LEU A 615 -0.21 34.31 -36.96
CA LEU A 615 -1.56 34.41 -37.50
C LEU A 615 -2.27 33.07 -37.43
N LEU A 616 -1.56 31.99 -37.78
CA LEU A 616 -2.13 30.65 -37.69
C LEU A 616 -2.43 30.28 -36.25
N LEU A 617 -1.54 30.61 -35.32
CA LEU A 617 -1.84 30.35 -33.92
C LEU A 617 -2.87 31.32 -33.36
N ASN A 618 -3.16 32.40 -34.09
CA ASN A 618 -4.13 33.41 -33.68
C ASN A 618 -3.79 34.03 -32.32
N GLU A 619 -2.50 34.29 -32.12
CA GLU A 619 -2.09 35.01 -30.93
C GLU A 619 -2.48 36.48 -31.07
N LEU A 620 -3.25 36.98 -30.11
CA LEU A 620 -3.76 38.35 -30.15
C LEU A 620 -3.19 39.22 -29.04
N GLY A 621 -2.15 38.75 -28.36
CA GLY A 621 -1.46 39.56 -27.39
C GLY A 621 -0.48 40.51 -28.05
N GLY A 622 0.06 41.43 -27.25
CA GLY A 622 1.09 42.32 -27.74
C GLY A 622 2.35 41.55 -28.09
N PHE A 623 3.03 42.01 -29.14
CA PHE A 623 4.20 41.32 -29.67
C PHE A 623 5.38 42.29 -29.73
N THR A 624 6.59 41.77 -29.58
CA THR A 624 7.81 42.56 -29.76
C THR A 624 8.59 42.05 -30.96
N ILE A 625 9.20 42.96 -31.70
CA ILE A 625 10.06 42.59 -32.83
C ILE A 625 11.50 42.49 -32.32
N THR A 626 11.93 41.26 -32.03
CA THR A 626 13.30 41.03 -31.61
C THR A 626 14.23 41.02 -32.82
N GLY A 627 15.53 41.17 -32.55
CA GLY A 627 16.51 41.35 -33.61
C GLY A 627 16.67 40.13 -34.51
N LYS A 628 16.59 38.93 -33.93
CA LYS A 628 17.00 37.72 -34.62
C LYS A 628 16.12 37.43 -35.83
N TYR A 629 16.70 36.75 -36.82
CA TYR A 629 16.02 36.28 -38.01
C TYR A 629 16.15 34.77 -38.07
N LEU A 630 15.03 34.10 -38.34
CA LEU A 630 14.99 32.64 -38.36
C LEU A 630 14.30 32.17 -39.63
N PHE A 631 14.99 31.32 -40.39
CA PHE A 631 14.60 30.94 -41.76
C PHE A 631 14.29 32.14 -42.64
N GLY A 632 15.09 33.20 -42.49
CA GLY A 632 14.95 34.34 -43.36
C GLY A 632 13.78 35.25 -43.06
N GLN A 633 13.11 35.08 -41.93
CA GLN A 633 11.93 35.85 -41.59
C GLN A 633 12.16 36.62 -40.30
N PRO A 634 11.63 37.84 -40.20
CA PRO A 634 11.63 38.53 -38.91
C PRO A 634 10.84 37.75 -37.88
N VAL A 635 11.33 37.75 -36.65
CA VAL A 635 10.84 36.87 -35.60
C VAL A 635 10.31 37.72 -34.47
N PHE A 636 9.08 37.47 -34.06
CA PHE A 636 8.45 38.21 -32.98
C PHE A 636 8.45 37.40 -31.70
N ARG A 637 8.31 38.10 -30.57
CA ARG A 637 8.22 37.46 -29.26
C ARG A 637 7.12 38.13 -28.44
N LYS A 638 6.28 37.31 -27.81
CA LYS A 638 5.12 37.84 -27.09
C LYS A 638 5.55 38.66 -25.87
N VAL A 639 4.88 39.80 -25.67
CA VAL A 639 5.02 40.52 -24.42
C VAL A 639 4.39 39.72 -23.30
N HIS A 640 5.11 39.59 -22.19
CA HIS A 640 4.58 38.96 -20.99
C HIS A 640 4.39 40.03 -19.92
N ALA A 641 3.33 39.90 -19.13
CA ALA A 641 3.09 40.80 -18.01
C ALA A 641 4.23 40.70 -17.01
N ARG A 642 4.39 41.77 -16.20
CA ARG A 642 5.48 42.01 -15.25
C ARG A 642 6.71 42.48 -16.02
N GLU A 643 6.59 42.63 -17.34
CA GLU A 643 7.58 43.31 -18.15
C GLU A 643 6.91 44.48 -18.84
N HIS A 644 7.64 45.58 -18.99
CA HIS A 644 7.06 46.82 -19.47
C HIS A 644 7.68 47.24 -20.80
N PRO A 645 6.85 47.56 -21.78
CA PRO A 645 7.33 48.19 -23.00
C PRO A 645 7.22 49.71 -23.01
N ILE A 646 7.86 50.35 -24.00
CA ILE A 646 7.55 51.75 -24.29
C ILE A 646 6.10 51.88 -24.74
N LEU A 647 5.53 50.80 -25.29
CA LEU A 647 4.15 50.62 -25.73
C LEU A 647 3.89 51.32 -27.06
N SER A 648 4.90 52.00 -27.59
CA SER A 648 4.92 52.35 -29.00
C SER A 648 5.58 51.24 -29.81
N THR A 649 6.51 50.51 -29.18
CA THR A 649 7.28 49.49 -29.88
C THR A 649 6.42 48.31 -30.31
N VAL A 650 5.40 47.98 -29.51
CA VAL A 650 4.69 46.72 -29.66
C VAL A 650 3.84 46.73 -30.93
N ILE A 651 3.71 45.55 -31.54
CA ILE A 651 2.77 45.29 -32.62
C ILE A 651 1.77 44.27 -32.09
N THR A 652 0.49 44.46 -32.40
CA THR A 652 -0.55 43.60 -31.85
C THR A 652 -1.06 42.56 -32.83
N ILE A 653 -0.70 42.67 -34.12
CA ILE A 653 -1.06 41.74 -35.18
C ILE A 653 -2.58 41.55 -35.20
N ALA A 654 -3.31 42.67 -35.24
CA ALA A 654 -4.76 42.62 -35.30
C ALA A 654 -5.28 43.18 -36.63
N LEU A 663 -13.71 31.30 -42.87
CA LEU A 663 -12.48 31.02 -43.60
C LEU A 663 -12.80 30.27 -44.89
N THR A 664 -11.76 29.90 -45.64
CA THR A 664 -11.91 29.39 -46.99
C THR A 664 -11.83 27.88 -47.10
N SER A 665 -11.87 27.17 -45.96
CA SER A 665 -11.80 25.72 -45.79
C SER A 665 -10.39 25.18 -46.04
N LYS A 666 -9.44 26.01 -46.48
CA LYS A 666 -8.03 25.67 -46.52
C LYS A 666 -7.26 26.36 -45.40
N GLU A 667 -7.58 27.62 -45.14
CA GLU A 667 -6.95 28.35 -44.04
C GLU A 667 -7.25 27.68 -42.70
N GLU A 668 -8.51 27.29 -42.49
CA GLU A 668 -8.89 26.66 -41.22
C GLU A 668 -8.20 25.30 -41.05
N GLU A 669 -7.95 24.61 -42.16
CA GLU A 669 -7.12 23.41 -42.11
C GLU A 669 -5.71 23.74 -41.64
N GLU A 670 -5.16 24.85 -42.14
CA GLU A 670 -3.81 25.26 -41.74
C GLU A 670 -3.76 25.60 -40.25
N ARG A 671 -4.76 26.32 -39.74
CA ARG A 671 -4.80 26.59 -38.31
C ARG A 671 -4.95 25.32 -37.50
N ARG A 672 -5.80 24.39 -37.93
CA ARG A 672 -6.03 23.19 -37.14
C ARG A 672 -4.76 22.34 -37.08
N ILE A 673 -4.05 22.23 -38.20
CA ILE A 673 -2.80 21.46 -38.21
C ILE A 673 -1.72 22.18 -37.41
N ALA A 674 -1.64 23.51 -37.52
CA ALA A 674 -0.63 24.26 -36.80
C ALA A 674 -0.88 24.32 -35.30
N GLU A 675 -2.10 24.03 -34.85
CA GLU A 675 -2.36 23.89 -33.42
C GLU A 675 -1.97 22.53 -32.87
N MET A 676 -1.44 21.65 -33.72
CA MET A 676 -0.85 20.40 -33.27
C MET A 676 0.64 20.52 -33.03
N GLY A 677 1.21 21.71 -33.27
CA GLY A 677 2.60 21.95 -32.97
C GLY A 677 2.77 22.76 -31.71
N ARG A 678 1.75 22.73 -30.86
CA ARG A 678 1.81 23.44 -29.59
C ARG A 678 2.69 22.68 -28.60
N PRO A 679 3.31 23.39 -27.68
CA PRO A 679 4.08 22.72 -26.61
C PRO A 679 3.13 21.99 -25.67
N ILE A 680 3.34 20.69 -25.52
CA ILE A 680 2.49 19.89 -24.63
C ILE A 680 3.36 19.19 -23.59
N LEU A 681 2.73 18.41 -22.72
CA LEU A 681 3.39 17.67 -21.67
C LEU A 681 3.40 16.18 -21.99
N GLY A 682 4.48 15.52 -21.60
CA GLY A 682 4.72 14.14 -21.95
C GLY A 682 4.23 13.17 -20.90
N GLU A 683 4.77 11.95 -21.00
CA GLU A 683 4.41 10.84 -20.12
C GLU A 683 4.54 11.19 -18.64
N HIS A 684 5.70 11.69 -18.23
CA HIS A 684 5.97 11.95 -16.82
C HIS A 684 6.06 13.45 -16.62
N THR A 685 4.99 14.05 -16.10
CA THR A 685 4.97 15.47 -15.76
C THR A 685 5.10 15.68 -14.26
N LYS A 686 5.23 14.59 -13.50
CA LYS A 686 5.27 14.65 -12.05
C LYS A 686 6.38 13.73 -11.60
N LEU A 687 7.41 14.29 -10.97
CA LEU A 687 8.59 13.53 -10.58
C LEU A 687 8.74 13.56 -9.07
N GLU A 688 8.90 12.39 -8.47
CA GLU A 688 9.04 12.25 -7.04
C GLU A 688 10.52 12.23 -6.66
N VAL A 689 10.92 13.12 -5.76
CA VAL A 689 12.27 13.14 -5.23
C VAL A 689 12.20 12.51 -3.85
N ILE A 690 12.90 11.39 -3.64
CA ILE A 690 12.97 10.76 -2.34
C ILE A 690 14.38 10.94 -1.80
N ILE A 691 14.49 11.50 -0.60
CA ILE A 691 15.78 11.79 -0.02
C ILE A 691 16.32 10.54 0.67
N GLU A 692 17.63 10.33 0.57
CA GLU A 692 18.29 9.16 1.11
C GLU A 692 19.38 9.60 2.08
N GLU A 693 19.53 8.87 3.18
CA GLU A 693 20.54 9.19 4.18
C GLU A 693 21.94 8.84 3.68
N ASN A 717 4.70 -0.44 14.91
CA ASN A 717 3.29 -0.10 15.06
C ASN A 717 2.61 -1.23 15.82
N SER A 718 3.13 -2.45 15.65
CA SER A 718 2.62 -3.59 16.40
C SER A 718 2.90 -3.48 17.89
N TRP A 719 3.97 -2.75 18.27
CA TRP A 719 4.15 -2.38 19.68
C TRP A 719 2.98 -1.55 20.18
N ARG A 720 2.55 -0.55 19.40
CA ARG A 720 1.43 0.29 19.80
C ARG A 720 0.14 -0.50 19.90
N GLU A 721 -0.04 -1.49 19.04
CA GLU A 721 -1.27 -2.28 19.04
C GLU A 721 -1.44 -3.06 20.33
N GLN A 722 -0.34 -3.55 20.90
CA GLN A 722 -0.44 -4.31 22.15
C GLN A 722 -0.92 -3.43 23.30
N PHE A 723 -0.42 -2.19 23.38
CA PHE A 723 -0.86 -1.31 24.45
C PHE A 723 -2.30 -0.85 24.24
N ILE A 724 -2.72 -0.65 23.00
CA ILE A 724 -4.12 -0.32 22.74
C ILE A 724 -5.01 -1.52 23.04
N GLU A 725 -4.53 -2.73 22.73
CA GLU A 725 -5.30 -3.93 23.07
C GLU A 725 -5.29 -4.21 24.57
N ALA A 726 -4.28 -3.73 25.29
CA ALA A 726 -4.19 -3.99 26.72
C ALA A 726 -5.33 -3.35 27.49
N ILE A 727 -5.69 -2.11 27.12
CA ILE A 727 -6.75 -1.37 27.80
C ILE A 727 -7.92 -1.16 26.83
N THR A 728 -9.09 -1.62 27.23
CA THR A 728 -10.29 -1.49 26.41
C THR A 728 -11.51 -1.11 27.25
N SER A 747 -21.85 -7.21 29.13
CA SER A 747 -20.48 -6.68 29.10
C SER A 747 -19.96 -6.46 30.51
N CYS A 748 -20.85 -6.55 31.50
CA CYS A 748 -20.44 -6.39 32.89
C CYS A 748 -19.46 -7.47 33.31
N PHE A 749 -19.70 -8.72 32.87
CA PHE A 749 -18.77 -9.80 33.17
C PHE A 749 -17.42 -9.54 32.51
N ASP A 750 -17.43 -9.00 31.28
CA ASP A 750 -16.18 -8.65 30.61
C ASP A 750 -15.44 -7.55 31.38
N TYR A 751 -16.17 -6.61 31.96
CA TYR A 751 -15.55 -5.54 32.75
C TYR A 751 -14.85 -6.11 33.99
N VAL A 752 -15.47 -7.10 34.64
CA VAL A 752 -14.85 -7.74 35.80
C VAL A 752 -13.52 -8.38 35.41
N MET A 753 -13.52 -9.11 34.30
CA MET A 753 -12.30 -9.78 33.84
C MET A 753 -11.28 -8.78 33.30
N HIS A 754 -11.74 -7.70 32.68
CA HIS A 754 -10.81 -6.71 32.14
C HIS A 754 -10.07 -5.99 33.26
N PHE A 755 -10.79 -5.52 34.26
CA PHE A 755 -10.16 -4.76 35.33
C PHE A 755 -9.35 -5.65 36.27
N LEU A 756 -9.67 -6.95 36.32
CA LEU A 756 -8.84 -7.87 37.10
C LEU A 756 -7.47 -8.04 36.47
N THR A 757 -7.42 -8.20 35.15
CA THR A 757 -6.19 -8.54 34.45
C THR A 757 -5.55 -7.35 33.74
N VAL A 758 -6.02 -6.13 33.98
CA VAL A 758 -5.49 -4.98 33.26
C VAL A 758 -4.04 -4.71 33.67
N PHE A 759 -3.69 -4.97 34.93
CA PHE A 759 -2.31 -4.81 35.36
C PHE A 759 -1.40 -5.79 34.65
N TRP A 760 -1.84 -7.02 34.46
CA TRP A 760 -1.03 -8.02 33.79
C TRP A 760 -0.91 -7.75 32.30
N LYS A 761 -2.02 -7.35 31.66
CA LYS A 761 -1.99 -7.12 30.22
C LYS A 761 -1.11 -5.94 29.85
N VAL A 762 -1.13 -4.87 30.66
CA VAL A 762 -0.26 -3.74 30.39
C VAL A 762 1.20 -4.11 30.65
N LEU A 763 1.45 -4.86 31.73
CA LEU A 763 2.81 -5.28 32.04
C LEU A 763 3.37 -6.21 30.96
N PHE A 764 2.54 -7.12 30.45
CA PHE A 764 2.98 -8.07 29.44
C PHE A 764 2.86 -7.52 28.03
N ALA A 765 2.41 -6.27 27.87
CA ALA A 765 2.49 -5.62 26.58
C ALA A 765 3.88 -5.09 26.28
N PHE A 766 4.78 -5.12 27.26
CA PHE A 766 6.18 -4.80 27.06
C PHE A 766 6.98 -5.99 26.54
N VAL A 767 6.35 -7.15 26.44
CA VAL A 767 6.97 -8.29 25.75
C VAL A 767 7.06 -7.96 24.26
N PRO A 768 8.18 -8.25 23.60
CA PRO A 768 8.30 -7.91 22.19
C PRO A 768 7.24 -8.60 21.37
N PRO A 769 6.74 -7.96 20.31
CA PRO A 769 5.78 -8.62 19.44
C PRO A 769 6.38 -9.86 18.80
N THR A 770 5.51 -10.83 18.53
CA THR A 770 5.97 -12.14 18.11
C THR A 770 6.61 -12.09 16.72
N GLU A 771 6.29 -11.07 15.93
CA GLU A 771 6.85 -10.95 14.58
C GLU A 771 8.35 -10.70 14.59
N TYR A 772 8.90 -10.09 15.64
CA TYR A 772 10.33 -9.84 15.70
C TYR A 772 11.12 -11.12 15.94
N TRP A 773 12.24 -11.24 15.23
CA TRP A 773 13.21 -12.35 15.34
C TRP A 773 12.55 -13.71 15.12
N ASN A 774 11.46 -13.74 14.35
CA ASN A 774 10.71 -14.95 14.03
C ASN A 774 10.30 -15.65 15.33
N GLY A 775 9.65 -14.89 16.21
CA GLY A 775 9.13 -15.44 17.44
C GLY A 775 10.12 -15.57 18.59
N TRP A 776 11.42 -15.38 18.33
CA TRP A 776 12.41 -15.59 19.37
C TRP A 776 12.51 -14.41 20.34
N ALA A 777 12.24 -13.18 19.87
CA ALA A 777 12.25 -12.05 20.78
C ALA A 777 11.17 -12.19 21.85
N CYS A 778 9.98 -12.64 21.46
CA CYS A 778 8.93 -12.93 22.44
C CYS A 778 9.28 -14.13 23.29
N PHE A 779 10.05 -15.08 22.75
CA PHE A 779 10.32 -16.32 23.48
C PHE A 779 11.26 -16.07 24.65
N ILE A 780 12.31 -15.27 24.45
CA ILE A 780 13.30 -15.04 25.50
C ILE A 780 12.67 -14.27 26.66
N VAL A 781 11.90 -13.23 26.35
CA VAL A 781 11.33 -12.39 27.40
C VAL A 781 10.21 -13.11 28.15
N SER A 782 9.42 -13.92 27.43
CA SER A 782 8.31 -14.61 28.09
C SER A 782 8.81 -15.66 29.07
N ILE A 783 9.84 -16.43 28.71
CA ILE A 783 10.34 -17.46 29.60
C ILE A 783 11.03 -16.84 30.82
N LEU A 784 11.59 -15.63 30.68
CA LEU A 784 12.14 -14.94 31.83
C LEU A 784 11.04 -14.50 32.77
N MET A 785 9.93 -13.98 32.25
CA MET A 785 8.82 -13.56 33.10
C MET A 785 8.13 -14.76 33.74
N ILE A 786 7.99 -15.87 33.01
CA ILE A 786 7.47 -17.08 33.63
C ILE A 786 8.36 -17.52 34.78
N GLY A 787 9.67 -17.48 34.59
CA GLY A 787 10.59 -17.80 35.67
C GLY A 787 10.46 -16.87 36.85
N LEU A 788 10.16 -15.59 36.59
CA LEU A 788 10.02 -14.63 37.68
C LEU A 788 8.72 -14.87 38.47
N LEU A 789 7.61 -15.10 37.78
CA LEU A 789 6.34 -15.29 38.47
C LEU A 789 6.20 -16.64 39.15
N THR A 790 6.94 -17.67 38.72
CA THR A 790 6.97 -18.92 39.49
C THR A 790 8.04 -18.91 40.58
N ALA A 791 8.90 -17.89 40.62
CA ALA A 791 9.68 -17.65 41.82
C ALA A 791 8.81 -17.08 42.93
N PHE A 792 7.88 -16.19 42.58
CA PHE A 792 6.94 -15.65 43.56
C PHE A 792 5.94 -16.70 44.01
N ILE A 793 5.46 -17.54 43.08
CA ILE A 793 4.49 -18.56 43.42
C ILE A 793 5.10 -19.58 44.37
N GLY A 794 6.36 -19.93 44.16
CA GLY A 794 7.06 -20.80 45.09
C GLY A 794 7.16 -20.20 46.48
N ASP A 795 7.32 -18.88 46.58
CA ASP A 795 7.36 -18.23 47.87
C ASP A 795 5.98 -18.06 48.48
N LEU A 796 5.01 -17.62 47.68
CA LEU A 796 3.67 -17.37 48.18
C LEU A 796 3.02 -18.65 48.65
N ALA A 797 3.21 -19.76 47.93
CA ALA A 797 2.69 -21.04 48.37
C ALA A 797 3.43 -21.56 49.59
N SER A 798 4.74 -21.29 49.69
CA SER A 798 5.51 -21.75 50.84
C SER A 798 5.09 -21.04 52.12
N HIS A 799 4.97 -19.72 52.07
CA HIS A 799 4.58 -18.97 53.27
C HIS A 799 3.10 -19.12 53.60
N PHE A 800 2.25 -19.41 52.61
CA PHE A 800 0.84 -19.65 52.90
C PHE A 800 0.66 -20.91 53.73
N GLY A 801 1.39 -21.98 53.39
CA GLY A 801 1.23 -23.23 54.10
C GLY A 801 1.69 -23.17 55.55
N CYS A 802 2.86 -22.57 55.80
CA CYS A 802 3.39 -22.55 57.15
C CYS A 802 2.69 -21.52 58.04
N THR A 803 1.97 -20.57 57.46
CA THR A 803 1.22 -19.62 58.27
C THR A 803 0.03 -20.31 58.95
N ILE A 804 -0.70 -21.15 58.22
CA ILE A 804 -1.84 -21.86 58.78
C ILE A 804 -1.51 -23.30 59.15
N GLY A 805 -0.25 -23.71 59.01
CA GLY A 805 0.15 -25.07 59.33
C GLY A 805 -0.04 -26.08 58.22
N LEU A 806 -0.47 -25.64 57.04
CA LEU A 806 -0.65 -26.55 55.92
C LEU A 806 0.70 -27.03 55.40
N LYS A 807 0.76 -28.31 55.04
CA LYS A 807 2.00 -28.89 54.57
C LYS A 807 2.28 -28.46 53.13
N ASP A 808 3.57 -28.44 52.77
CA ASP A 808 3.94 -28.12 51.39
C ASP A 808 3.48 -29.20 50.43
N SER A 809 3.32 -30.44 50.90
CA SER A 809 2.76 -31.49 50.06
C SER A 809 1.31 -31.19 49.70
N VAL A 810 0.53 -30.74 50.69
CA VAL A 810 -0.90 -30.51 50.47
C VAL A 810 -1.14 -29.25 49.65
N THR A 811 -0.42 -28.17 49.95
CA THR A 811 -0.66 -26.93 49.22
C THR A 811 -0.18 -27.00 47.78
N ALA A 812 0.76 -27.88 47.47
CA ALA A 812 1.19 -28.05 46.09
C ALA A 812 0.18 -28.87 45.30
N VAL A 813 -0.39 -29.91 45.91
CA VAL A 813 -1.30 -30.80 45.20
C VAL A 813 -2.62 -30.10 44.90
N VAL A 814 -3.17 -29.39 45.89
CA VAL A 814 -4.49 -28.79 45.72
C VAL A 814 -4.41 -27.48 44.95
N PHE A 815 -3.54 -26.56 45.36
CA PHE A 815 -3.55 -25.21 44.84
C PHE A 815 -2.57 -24.99 43.69
N VAL A 816 -1.28 -25.28 43.91
CA VAL A 816 -0.27 -24.97 42.90
C VAL A 816 -0.43 -25.84 41.67
N ALA A 817 -0.80 -27.10 41.86
CA ALA A 817 -0.99 -28.00 40.72
C ALA A 817 -2.14 -27.55 39.83
N LEU A 818 -3.24 -27.10 40.43
CA LEU A 818 -4.38 -26.61 39.65
C LEU A 818 -4.04 -25.30 38.96
N GLY A 819 -3.29 -24.42 39.63
CA GLY A 819 -3.05 -23.10 39.07
C GLY A 819 -2.05 -23.08 37.93
N THR A 820 -1.09 -23.99 37.93
CA THR A 820 -0.10 -24.04 36.87
C THR A 820 -0.54 -24.88 35.68
N SER A 821 -1.64 -25.61 35.78
CA SER A 821 -2.19 -26.36 34.67
C SER A 821 -3.30 -25.63 33.93
N VAL A 822 -3.51 -24.35 34.26
CA VAL A 822 -4.45 -23.54 33.48
C VAL A 822 -3.99 -23.38 32.04
N PRO A 823 -2.70 -23.13 31.73
CA PRO A 823 -2.28 -23.17 30.32
C PRO A 823 -2.52 -24.51 29.63
N ASP A 824 -2.40 -25.64 30.33
CA ASP A 824 -2.61 -26.94 29.70
C ASP A 824 -4.09 -27.19 29.43
N THR A 825 -4.96 -26.62 30.25
CA THR A 825 -6.39 -26.91 30.13
C THR A 825 -6.98 -26.26 28.88
N PHE A 826 -6.60 -25.02 28.59
CA PHE A 826 -7.14 -24.33 27.43
C PHE A 826 -6.54 -24.88 26.13
N ALA A 827 -5.30 -25.34 26.16
CA ALA A 827 -4.70 -25.94 24.97
C ALA A 827 -5.42 -27.24 24.60
N SER A 828 -5.76 -28.06 25.59
CA SER A 828 -6.48 -29.30 25.32
C SER A 828 -7.92 -29.05 24.95
N LYS A 829 -8.55 -28.04 25.56
CA LYS A 829 -9.96 -27.76 25.31
C LYS A 829 -10.19 -27.29 23.88
N VAL A 830 -9.32 -26.44 23.35
CA VAL A 830 -9.46 -25.96 21.99
C VAL A 830 -9.28 -27.09 20.99
N ALA A 831 -8.28 -27.94 21.21
CA ALA A 831 -8.06 -29.07 20.32
C ALA A 831 -9.17 -30.11 20.42
N ALA A 832 -9.84 -30.20 21.57
CA ALA A 832 -10.95 -31.13 21.69
C ALA A 832 -12.13 -30.70 20.83
N THR A 833 -12.42 -29.40 20.79
CA THR A 833 -13.58 -28.90 20.06
C THR A 833 -13.27 -28.69 18.59
N GLN A 834 -12.17 -27.98 18.29
CA GLN A 834 -11.93 -27.52 16.93
C GLN A 834 -11.43 -28.62 16.00
N ASP A 835 -10.79 -29.66 16.53
CA ASP A 835 -10.28 -30.74 15.70
C ASP A 835 -11.39 -31.72 15.32
N GLN A 836 -10.98 -32.79 14.65
CA GLN A 836 -11.87 -33.89 14.31
C GLN A 836 -11.60 -35.15 15.13
N TYR A 837 -10.38 -35.31 15.64
CA TYR A 837 -10.01 -36.46 16.45
C TYR A 837 -9.67 -36.01 17.86
N ALA A 838 -9.39 -36.99 18.72
CA ALA A 838 -9.01 -36.75 20.10
C ALA A 838 -7.52 -36.94 20.34
N ASP A 839 -6.72 -37.06 19.28
CA ASP A 839 -5.29 -37.29 19.46
C ASP A 839 -4.61 -36.06 20.07
N ALA A 840 -4.88 -34.87 19.55
CA ALA A 840 -4.18 -33.68 20.00
C ALA A 840 -4.63 -33.28 21.40
N SER A 841 -5.90 -33.45 21.72
CA SER A 841 -6.41 -33.07 23.04
C SER A 841 -5.87 -33.98 24.12
N ILE A 842 -5.94 -35.29 23.91
CA ILE A 842 -5.44 -36.25 24.90
C ILE A 842 -3.92 -36.26 24.92
N GLY A 843 -3.28 -36.12 23.75
CA GLY A 843 -1.84 -36.14 23.68
C GLY A 843 -1.18 -34.97 24.40
N ASN A 844 -1.85 -33.83 24.45
CA ASN A 844 -1.34 -32.70 25.23
C ASN A 844 -1.31 -33.03 26.71
N VAL A 845 -2.31 -33.78 27.19
CA VAL A 845 -2.29 -34.24 28.58
C VAL A 845 -1.16 -35.22 28.81
N THR A 846 -1.00 -36.19 27.91
CA THR A 846 0.06 -37.17 28.02
C THR A 846 1.44 -36.53 27.85
N GLY A 847 1.57 -35.61 26.88
CA GLY A 847 2.84 -34.95 26.67
C GLY A 847 3.24 -34.06 27.83
N SER A 848 2.26 -33.41 28.46
CA SER A 848 2.53 -32.58 29.63
C SER A 848 3.02 -33.43 30.80
N ASN A 849 2.39 -34.60 31.01
CA ASN A 849 2.72 -35.42 32.16
C ASN A 849 4.13 -35.98 32.07
N ALA A 850 4.56 -36.35 30.87
CA ALA A 850 5.91 -36.89 30.69
C ALA A 850 6.97 -35.82 30.96
N VAL A 851 6.84 -34.66 30.30
CA VAL A 851 7.87 -33.63 30.42
C VAL A 851 7.93 -33.03 31.81
N ASN A 852 6.85 -33.13 32.58
CA ASN A 852 6.86 -32.66 33.96
C ASN A 852 7.86 -33.44 34.80
N VAL A 853 7.90 -34.75 34.63
CA VAL A 853 8.84 -35.57 35.40
C VAL A 853 10.24 -35.47 34.80
N PHE A 854 10.36 -35.63 33.49
CA PHE A 854 11.68 -35.78 32.88
C PHE A 854 12.47 -34.48 32.91
N LEU A 855 11.80 -33.34 32.69
CA LEU A 855 12.54 -32.09 32.83
C LEU A 855 12.35 -31.45 34.20
N GLY A 856 11.13 -31.45 34.74
CA GLY A 856 10.92 -30.78 36.01
C GLY A 856 11.66 -31.44 37.15
N ILE A 857 11.58 -32.77 37.24
CA ILE A 857 12.29 -33.50 38.28
C ILE A 857 13.65 -33.99 37.78
N GLY A 858 13.76 -34.30 36.48
CA GLY A 858 15.03 -34.74 35.95
C GLY A 858 16.12 -33.70 36.03
N VAL A 859 15.82 -32.47 35.62
CA VAL A 859 16.82 -31.39 35.66
C VAL A 859 17.08 -30.96 37.11
N ALA A 860 16.03 -30.79 37.90
CA ALA A 860 16.18 -30.29 39.26
C ALA A 860 16.98 -31.24 40.13
N TRP A 861 16.73 -32.54 39.99
CA TRP A 861 17.46 -33.53 40.76
C TRP A 861 18.81 -33.89 40.15
N SER A 862 19.02 -33.58 38.86
CA SER A 862 20.36 -33.70 38.29
C SER A 862 21.29 -32.63 38.82
N ILE A 863 20.79 -31.39 38.92
CA ILE A 863 21.59 -30.30 39.44
C ILE A 863 21.91 -30.53 40.90
N ALA A 864 20.94 -31.00 41.68
CA ALA A 864 21.15 -31.20 43.11
C ALA A 864 22.08 -32.38 43.37
N ALA A 865 21.90 -33.49 42.64
CA ALA A 865 22.75 -34.66 42.87
C ALA A 865 24.19 -34.40 42.47
N ILE A 866 24.40 -33.68 41.37
CA ILE A 866 25.75 -33.34 40.95
C ILE A 866 26.42 -32.40 41.94
N TYR A 867 25.65 -31.43 42.45
CA TYR A 867 26.20 -30.47 43.40
C TYR A 867 26.64 -31.15 44.70
N HIS A 868 25.81 -32.06 45.21
CA HIS A 868 26.20 -32.80 46.41
C HIS A 868 27.33 -33.79 46.14
N ALA A 869 27.38 -34.35 44.92
CA ALA A 869 28.46 -35.27 44.59
C ALA A 869 29.81 -34.57 44.52
N ALA A 870 29.83 -33.31 44.07
CA ALA A 870 31.08 -32.55 44.07
C ALA A 870 31.59 -32.33 45.49
N ASN A 871 30.70 -32.34 46.48
CA ASN A 871 31.07 -32.23 47.87
C ASN A 871 31.26 -33.59 48.54
N GLY A 872 31.21 -34.67 47.78
CA GLY A 872 31.35 -36.00 48.34
C GLY A 872 30.20 -36.38 49.25
N GLU A 873 28.98 -35.97 48.90
CA GLU A 873 27.83 -36.11 49.77
C GLU A 873 26.68 -36.66 48.95
N GLN A 874 25.77 -37.36 49.61
CA GLN A 874 24.60 -37.89 48.94
C GLN A 874 23.48 -36.86 48.92
N PHE A 875 22.56 -37.03 47.97
CA PHE A 875 21.39 -36.19 47.84
C PHE A 875 20.19 -36.98 48.34
N LYS A 876 19.64 -36.57 49.48
CA LYS A 876 18.64 -37.36 50.18
C LYS A 876 17.27 -36.74 49.98
N VAL A 877 16.35 -37.52 49.42
CA VAL A 877 14.97 -37.12 49.23
C VAL A 877 14.10 -38.11 50.00
N SER A 878 13.24 -37.59 50.87
CA SER A 878 12.41 -38.45 51.70
C SER A 878 11.35 -39.12 50.85
N PRO A 879 11.35 -40.45 50.73
CA PRO A 879 10.44 -41.10 49.77
C PRO A 879 9.01 -41.17 50.22
N GLY A 880 8.73 -41.09 51.53
CA GLY A 880 7.41 -41.45 52.03
C GLY A 880 6.30 -40.57 51.52
N THR A 881 6.55 -39.26 51.41
CA THR A 881 5.52 -38.35 50.93
C THR A 881 5.20 -38.59 49.47
N LEU A 882 6.23 -38.76 48.63
CA LEU A 882 6.03 -38.96 47.20
C LEU A 882 5.67 -40.39 46.84
N ALA A 883 5.96 -41.37 47.69
CA ALA A 883 5.70 -42.76 47.33
C ALA A 883 4.21 -43.03 47.21
N PHE A 884 3.42 -42.60 48.18
CA PHE A 884 1.99 -42.90 48.14
C PHE A 884 1.28 -42.10 47.06
N SER A 885 1.78 -40.90 46.74
CA SER A 885 1.15 -40.09 45.70
C SER A 885 1.29 -40.72 44.32
N VAL A 886 2.48 -41.24 43.99
CA VAL A 886 2.70 -41.75 42.65
C VAL A 886 1.99 -43.09 42.43
N THR A 887 1.91 -43.92 43.47
CA THR A 887 1.16 -45.18 43.32
C THR A 887 -0.33 -44.91 43.26
N LEU A 888 -0.83 -43.93 44.01
CA LEU A 888 -2.24 -43.58 43.90
C LEU A 888 -2.57 -43.03 42.52
N PHE A 889 -1.62 -42.34 41.89
CA PHE A 889 -1.87 -41.82 40.55
C PHE A 889 -1.94 -42.95 39.53
N THR A 890 -0.98 -43.88 39.57
CA THR A 890 -0.93 -44.95 38.57
C THR A 890 -2.15 -45.86 38.67
N ILE A 891 -2.60 -46.16 39.89
CA ILE A 891 -3.82 -46.94 40.05
C ILE A 891 -5.00 -46.19 39.47
N PHE A 892 -5.07 -44.88 39.72
CA PHE A 892 -6.16 -44.08 39.18
C PHE A 892 -5.98 -43.81 37.70
N ALA A 893 -4.74 -43.85 37.19
CA ALA A 893 -4.51 -43.59 35.77
C ALA A 893 -4.96 -44.75 34.91
N PHE A 894 -4.77 -45.99 35.39
CA PHE A 894 -5.22 -47.16 34.64
C PHE A 894 -6.75 -47.18 34.54
N ILE A 895 -7.44 -46.73 35.58
CA ILE A 895 -8.89 -46.61 35.52
C ILE A 895 -9.28 -45.57 34.48
N ASN A 896 -8.57 -44.44 34.45
CA ASN A 896 -8.85 -43.41 33.46
C ASN A 896 -8.57 -43.90 32.05
N VAL A 897 -7.44 -44.58 31.85
CA VAL A 897 -7.12 -45.12 30.53
C VAL A 897 -8.09 -46.24 30.16
N GLY A 898 -8.49 -47.05 31.14
CA GLY A 898 -9.45 -48.11 30.87
C GLY A 898 -10.81 -47.62 30.44
N VAL A 899 -11.30 -46.55 31.09
CA VAL A 899 -12.59 -45.99 30.71
C VAL A 899 -12.51 -45.33 29.34
N LEU A 900 -11.40 -44.66 29.05
CA LEU A 900 -11.24 -44.03 27.73
C LEU A 900 -11.25 -45.07 26.62
N LEU A 901 -10.62 -46.22 26.84
CA LEU A 901 -10.66 -47.30 25.86
C LEU A 901 -12.04 -47.95 25.79
N TYR A 902 -12.81 -47.91 26.87
CA TYR A 902 -14.14 -48.49 26.87
C TYR A 902 -15.14 -47.63 26.10
N ARG A 903 -14.87 -46.34 25.94
CA ARG A 903 -15.74 -45.46 25.17
C ARG A 903 -15.48 -45.55 23.67
N ARG A 904 -14.73 -46.55 23.23
CA ARG A 904 -14.52 -46.80 21.80
C ARG A 904 -15.57 -47.72 21.21
N ARG A 905 -16.49 -48.21 22.03
CA ARG A 905 -17.56 -49.07 21.53
C ARG A 905 -18.53 -48.24 20.70
N PRO A 906 -19.20 -48.88 19.72
CA PRO A 906 -20.13 -48.12 18.86
C PRO A 906 -21.32 -47.54 19.61
N GLU A 907 -21.63 -48.05 20.81
CA GLU A 907 -22.68 -47.44 21.61
C GLU A 907 -22.31 -46.04 22.05
N ILE A 908 -21.03 -45.79 22.31
CA ILE A 908 -20.55 -44.47 22.71
C ILE A 908 -19.92 -43.77 21.51
N GLY A 909 -18.91 -44.39 20.91
CA GLY A 909 -18.37 -43.97 19.64
C GLY A 909 -17.00 -43.32 19.70
N GLY A 910 -16.59 -42.79 20.85
CA GLY A 910 -15.29 -42.14 20.91
C GLY A 910 -14.94 -41.73 22.32
N GLU A 911 -13.69 -41.32 22.49
CA GLU A 911 -13.20 -40.87 23.79
C GLU A 911 -13.94 -39.64 24.28
N LEU A 912 -14.19 -38.69 23.40
CA LEU A 912 -14.78 -37.42 23.79
C LEU A 912 -16.18 -37.30 23.21
N GLY A 913 -17.00 -36.49 23.87
CA GLY A 913 -18.36 -36.28 23.41
C GLY A 913 -19.20 -37.52 23.60
N GLY A 914 -19.94 -37.91 22.56
CA GLY A 914 -20.77 -39.08 22.61
C GLY A 914 -22.14 -38.81 23.18
N PRO A 915 -22.85 -39.88 23.57
CA PRO A 915 -24.18 -39.71 24.17
C PRO A 915 -24.13 -38.90 25.45
N ARG A 916 -25.16 -38.06 25.64
CA ARG A 916 -25.16 -37.10 26.73
C ARG A 916 -25.20 -37.77 28.10
N THR A 917 -25.94 -38.88 28.22
CA THR A 917 -26.00 -39.56 29.51
C THR A 917 -24.67 -40.25 29.84
N ALA A 918 -23.96 -40.77 28.84
CA ALA A 918 -22.63 -41.32 29.08
C ALA A 918 -21.59 -40.22 29.21
N LYS A 919 -21.87 -39.06 28.63
CA LYS A 919 -20.95 -37.92 28.68
C LYS A 919 -20.80 -37.40 30.10
N LEU A 920 -21.91 -37.31 30.84
CA LEU A 920 -21.83 -36.84 32.22
C LEU A 920 -21.19 -37.88 33.14
N LEU A 921 -21.48 -39.16 32.92
CA LEU A 921 -20.95 -40.21 33.79
C LEU A 921 -19.44 -40.31 33.68
N THR A 922 -18.89 -40.16 32.47
CA THR A 922 -17.45 -40.16 32.31
C THR A 922 -16.84 -38.92 32.94
N SER A 923 -17.47 -37.76 32.79
CA SER A 923 -16.96 -36.54 33.39
C SER A 923 -17.03 -36.59 34.91
N CYS A 924 -18.17 -37.02 35.45
CA CYS A 924 -18.33 -37.08 36.90
C CYS A 924 -17.42 -38.11 37.55
N LEU A 925 -17.16 -39.23 36.86
CA LEU A 925 -16.24 -40.22 37.39
C LEU A 925 -14.82 -39.66 37.50
N PHE A 926 -14.38 -38.93 36.49
CA PHE A 926 -13.00 -38.46 36.47
C PHE A 926 -12.78 -37.32 37.44
N VAL A 927 -13.81 -36.48 37.64
CA VAL A 927 -13.75 -35.48 38.70
C VAL A 927 -13.77 -36.16 40.07
N LEU A 928 -14.50 -37.27 40.18
CA LEU A 928 -14.51 -38.03 41.43
C LEU A 928 -13.14 -38.64 41.71
N LEU A 929 -12.44 -39.11 40.66
CA LEU A 929 -11.10 -39.65 40.85
C LEU A 929 -10.13 -38.59 41.35
N TRP A 930 -10.26 -37.35 40.86
CA TRP A 930 -9.39 -36.28 41.33
C TRP A 930 -9.69 -35.91 42.78
N LEU A 931 -10.97 -35.81 43.14
CA LEU A 931 -11.34 -35.51 44.51
C LEU A 931 -10.90 -36.62 45.46
N LEU A 932 -10.97 -37.87 45.01
CA LEU A 932 -10.48 -38.97 45.83
C LEU A 932 -8.96 -38.91 45.97
N TYR A 933 -8.26 -38.50 44.91
CA TYR A 933 -6.80 -38.46 44.95
C TYR A 933 -6.31 -37.40 45.93
N ILE A 934 -6.83 -36.17 45.81
CA ILE A 934 -6.32 -35.09 46.64
C ILE A 934 -6.77 -35.24 48.08
N PHE A 935 -7.84 -35.98 48.33
CA PHE A 935 -8.28 -36.20 49.71
C PHE A 935 -7.46 -37.31 50.37
N PHE A 936 -7.20 -38.40 49.65
CA PHE A 936 -6.37 -39.47 50.20
C PHE A 936 -4.92 -39.03 50.35
N SER A 937 -4.41 -38.26 49.40
CA SER A 937 -3.03 -37.79 49.48
C SER A 937 -2.84 -36.81 50.64
N SER A 938 -3.85 -35.99 50.90
CA SER A 938 -3.77 -35.07 52.03
C SER A 938 -3.75 -35.82 53.36
N LEU A 939 -4.52 -36.90 53.47
CA LEU A 939 -4.53 -37.67 54.71
C LEU A 939 -3.22 -38.43 54.91
N GLU A 940 -2.65 -38.99 53.85
CA GLU A 940 -1.39 -39.70 53.99
C GLU A 940 -0.25 -38.74 54.34
N ALA A 941 -0.40 -37.48 53.99
CA ALA A 941 0.58 -36.46 54.30
C ALA A 941 0.55 -36.23 55.77
N TYR A 942 -0.62 -36.33 56.35
CA TYR A 942 -0.84 -36.10 57.76
C TYR A 942 -0.95 -37.38 58.54
N CYS A 943 -0.46 -38.45 57.96
CA CYS A 943 -0.44 -39.73 58.60
C CYS A 943 -1.76 -40.19 59.12
N HIS A 944 -2.75 -40.16 58.25
CA HIS A 944 -4.08 -40.71 58.54
C HIS A 944 -4.32 -41.86 57.60
N ILE A 945 -3.25 -42.48 57.13
CA ILE A 945 -3.23 -43.63 56.20
C ILE A 945 -3.66 -43.36 54.75
N GLN B 1 -14.05 13.71 -28.85
CA GLN B 1 -14.85 12.71 -29.54
C GLN B 1 -15.34 11.64 -28.57
N ALA B 2 -14.48 11.26 -27.62
CA ALA B 2 -14.83 10.23 -26.66
C ALA B 2 -15.89 10.74 -25.68
N VAL B 3 -16.63 9.80 -25.10
CA VAL B 3 -17.72 10.11 -24.20
C VAL B 3 -17.43 9.51 -22.83
N VAL B 4 -17.69 10.27 -21.78
CA VAL B 4 -17.54 9.82 -20.40
C VAL B 4 -18.91 9.46 -19.86
N THR B 5 -19.02 8.29 -19.24
CA THR B 5 -20.29 7.79 -18.75
C THR B 5 -20.25 7.67 -17.22
N GLN B 6 -21.40 7.93 -16.59
CA GLN B 6 -21.55 7.82 -15.15
C GLN B 6 -22.90 7.19 -14.85
N GLU B 7 -23.23 7.12 -13.56
CA GLU B 7 -24.60 6.81 -13.16
C GLU B 7 -25.49 8.02 -13.38
N SER B 8 -26.76 7.76 -13.65
CA SER B 8 -27.73 8.84 -13.74
C SER B 8 -27.95 9.47 -12.37
N ALA B 9 -28.17 8.65 -11.35
CA ALA B 9 -28.35 9.11 -9.98
C ALA B 9 -28.07 7.93 -9.06
N LEU B 10 -27.58 8.23 -7.85
CA LEU B 10 -27.18 7.16 -6.95
C LEU B 10 -27.40 7.67 -5.52
N THR B 11 -28.42 7.13 -4.87
CA THR B 11 -28.79 7.56 -3.52
C THR B 11 -27.94 6.85 -2.46
N THR B 12 -27.91 7.44 -1.28
CA THR B 12 -27.26 6.86 -0.11
C THR B 12 -27.86 7.50 1.14
N SER B 13 -27.34 7.07 2.30
CA SER B 13 -27.81 7.54 3.59
C SER B 13 -26.69 8.27 4.32
N PRO B 14 -27.02 9.21 5.21
CA PRO B 14 -25.98 9.92 5.96
C PRO B 14 -25.17 8.96 6.83
N GLY B 15 -23.86 9.21 6.89
CA GLY B 15 -22.96 8.37 7.64
C GLY B 15 -22.48 7.13 6.92
N GLU B 16 -23.02 6.84 5.74
CA GLU B 16 -22.64 5.67 4.97
C GLU B 16 -21.59 6.06 3.93
N THR B 17 -20.87 5.06 3.43
CA THR B 17 -19.86 5.28 2.40
C THR B 17 -20.48 5.07 1.03
N VAL B 18 -19.93 5.78 0.05
CA VAL B 18 -20.47 5.81 -1.31
C VAL B 18 -19.31 5.88 -2.30
N THR B 19 -19.47 5.21 -3.44
CA THR B 19 -18.46 5.18 -4.49
C THR B 19 -19.09 5.63 -5.80
N LEU B 20 -18.44 6.56 -6.48
CA LEU B 20 -18.90 7.09 -7.75
C LEU B 20 -17.93 6.67 -8.83
N THR B 21 -18.46 6.36 -10.02
CA THR B 21 -17.66 5.81 -11.10
C THR B 21 -17.52 6.79 -12.25
N CYS B 22 -16.42 6.66 -12.99
CA CYS B 22 -16.13 7.50 -14.15
C CYS B 22 -15.43 6.63 -15.19
N ARG B 23 -16.14 6.27 -16.25
CA ARG B 23 -15.64 5.32 -17.25
C ARG B 23 -15.42 6.01 -18.58
N SER B 24 -14.24 5.79 -19.16
CA SER B 24 -13.90 6.31 -20.47
C SER B 24 -14.36 5.35 -21.57
N SER B 25 -14.75 5.92 -22.71
CA SER B 25 -15.19 5.09 -23.83
C SER B 25 -14.03 4.42 -24.55
N THR B 26 -12.87 5.09 -24.63
CA THR B 26 -11.72 4.52 -25.32
C THR B 26 -11.11 3.34 -24.57
N GLY B 27 -11.39 3.21 -23.28
CA GLY B 27 -10.88 2.10 -22.51
C GLY B 27 -10.71 2.40 -21.04
N ALA B 28 -9.56 2.07 -20.48
CA ALA B 28 -9.29 2.28 -19.07
C ALA B 28 -8.64 3.66 -18.87
N VAL B 29 -9.11 4.38 -17.86
CA VAL B 29 -8.48 5.66 -17.54
C VAL B 29 -7.16 5.39 -16.84
N THR B 30 -6.10 6.02 -17.36
CA THR B 30 -4.78 5.93 -16.75
C THR B 30 -4.55 7.15 -15.86
N THR B 31 -3.33 7.29 -15.37
CA THR B 31 -2.97 8.51 -14.66
C THR B 31 -2.69 9.67 -15.62
N SER B 32 -2.66 9.41 -16.92
CA SER B 32 -2.46 10.44 -17.92
C SER B 32 -3.77 11.09 -18.37
N ASN B 33 -4.92 10.60 -17.89
CA ASN B 33 -6.19 11.25 -18.16
C ASN B 33 -6.53 12.34 -17.16
N TYR B 34 -5.90 12.31 -15.98
CA TYR B 34 -6.05 13.34 -14.95
C TYR B 34 -7.51 13.58 -14.60
N ALA B 35 -8.15 12.55 -14.03
CA ALA B 35 -9.57 12.62 -13.76
C ALA B 35 -9.90 13.63 -12.67
N ASN B 36 -10.70 14.64 -13.02
CA ASN B 36 -11.09 15.70 -12.11
C ASN B 36 -12.54 15.52 -11.68
N TRP B 37 -12.84 15.89 -10.44
CA TRP B 37 -14.20 15.80 -9.92
C TRP B 37 -14.63 17.18 -9.44
N VAL B 38 -15.76 17.66 -9.95
CA VAL B 38 -16.32 18.93 -9.53
C VAL B 38 -17.75 18.69 -9.04
N GLN B 39 -18.24 19.64 -8.25
CA GLN B 39 -19.52 19.52 -7.56
C GLN B 39 -20.33 20.78 -7.75
N GLU B 40 -21.60 20.64 -8.15
CA GLU B 40 -22.53 21.77 -8.16
C GLU B 40 -23.55 21.60 -7.05
N LYS B 41 -23.67 22.61 -6.24
CA LYS B 41 -24.74 22.84 -5.29
C LYS B 41 -25.92 23.45 -6.02
N PRO B 42 -27.13 23.47 -5.44
CA PRO B 42 -28.25 24.10 -6.14
C PRO B 42 -28.04 25.59 -6.31
N ASP B 43 -28.73 26.14 -7.32
CA ASP B 43 -28.58 27.52 -7.79
C ASP B 43 -27.18 27.79 -8.32
N HIS B 44 -26.57 26.78 -8.95
CA HIS B 44 -25.34 26.92 -9.75
C HIS B 44 -24.15 27.38 -8.91
N LEU B 45 -23.87 26.64 -7.85
CA LEU B 45 -22.68 26.89 -7.03
C LEU B 45 -21.70 25.76 -7.26
N PHE B 46 -20.72 25.99 -8.14
CA PHE B 46 -19.74 24.98 -8.48
C PHE B 46 -18.52 25.06 -7.57
N THR B 47 -17.93 23.90 -7.28
CA THR B 47 -16.71 23.81 -6.49
C THR B 47 -15.86 22.67 -7.05
N GLY B 48 -14.55 22.89 -7.13
CA GLY B 48 -13.64 21.86 -7.57
C GLY B 48 -13.15 21.00 -6.43
N LEU B 49 -13.29 19.69 -6.56
CA LEU B 49 -12.94 18.77 -5.47
C LEU B 49 -11.55 18.15 -5.62
N ILE B 50 -11.31 17.40 -6.69
CA ILE B 50 -10.12 16.59 -6.83
C ILE B 50 -9.42 16.89 -8.16
N GLY B 51 -8.10 17.02 -8.09
CA GLY B 51 -7.28 17.27 -9.26
C GLY B 51 -6.85 16.02 -9.98
N GLY B 52 -5.55 15.78 -10.12
CA GLY B 52 -5.06 14.67 -10.91
C GLY B 52 -5.24 13.32 -10.23
N THR B 53 -6.49 12.94 -10.01
CA THR B 53 -6.97 11.63 -9.58
C THR B 53 -6.65 11.36 -8.10
N ASN B 54 -5.80 12.16 -7.51
CA ASN B 54 -5.50 12.03 -6.09
C ASN B 54 -5.55 13.35 -5.34
N ASN B 55 -5.10 14.44 -5.95
CA ASN B 55 -4.89 15.68 -5.23
C ASN B 55 -6.22 16.34 -4.90
N ARG B 56 -6.36 16.75 -3.64
CA ARG B 56 -7.58 17.37 -3.14
C ARG B 56 -7.36 18.87 -2.99
N VAL B 57 -8.37 19.64 -3.38
CA VAL B 57 -8.32 21.10 -3.24
C VAL B 57 -8.27 21.46 -1.76
N PRO B 58 -7.40 22.39 -1.34
CA PRO B 58 -7.46 22.85 0.05
C PRO B 58 -8.80 23.49 0.37
N GLY B 59 -9.35 23.15 1.53
CA GLY B 59 -10.67 23.56 1.92
C GLY B 59 -11.75 22.54 1.63
N VAL B 60 -11.52 21.61 0.72
CA VAL B 60 -12.47 20.52 0.49
C VAL B 60 -12.40 19.56 1.67
N PRO B 61 -13.54 19.11 2.22
CA PRO B 61 -13.51 18.25 3.40
C PRO B 61 -12.81 16.94 3.14
N ALA B 62 -12.18 16.40 4.19
CA ALA B 62 -11.30 15.25 4.07
C ALA B 62 -12.03 13.96 3.72
N ARG B 63 -13.36 13.93 3.79
CA ARG B 63 -14.09 12.72 3.45
C ARG B 63 -14.06 12.42 1.96
N PHE B 64 -13.84 13.42 1.11
CA PHE B 64 -13.74 13.19 -0.32
C PHE B 64 -12.36 12.63 -0.66
N SER B 65 -12.35 11.53 -1.40
CA SER B 65 -11.10 10.90 -1.81
C SER B 65 -11.26 10.34 -3.22
N GLY B 66 -10.23 10.52 -4.03
CA GLY B 66 -10.21 10.01 -5.40
C GLY B 66 -9.18 8.93 -5.54
N SER B 67 -9.48 7.94 -6.39
CA SER B 67 -8.58 6.83 -6.62
C SER B 67 -8.91 6.20 -7.96
N LEU B 68 -8.19 5.14 -8.31
CA LEU B 68 -8.41 4.39 -9.52
C LEU B 68 -8.81 2.96 -9.13
N ILE B 69 -10.00 2.54 -9.54
CA ILE B 69 -10.47 1.18 -9.28
C ILE B 69 -10.82 0.52 -10.61
N GLY B 70 -10.10 -0.56 -10.93
CA GLY B 70 -10.36 -1.25 -12.19
C GLY B 70 -9.97 -0.41 -13.38
N ASP B 71 -10.84 -0.40 -14.39
CA ASP B 71 -10.65 0.38 -15.60
C ASP B 71 -11.30 1.76 -15.54
N LYS B 72 -11.54 2.28 -14.33
CA LYS B 72 -12.33 3.49 -14.20
C LYS B 72 -11.90 4.25 -12.95
N ALA B 73 -12.20 5.55 -12.95
CA ALA B 73 -11.86 6.42 -11.84
C ALA B 73 -12.97 6.40 -10.79
N ALA B 74 -12.63 6.76 -9.56
CA ALA B 74 -13.56 6.64 -8.46
C ALA B 74 -13.49 7.85 -7.54
N LEU B 75 -14.66 8.33 -7.15
CA LEU B 75 -14.83 9.29 -6.06
C LEU B 75 -15.52 8.58 -4.90
N THR B 76 -14.88 8.55 -3.75
CA THR B 76 -15.40 7.87 -2.58
C THR B 76 -15.60 8.88 -1.46
N ILE B 77 -16.83 8.95 -0.95
CA ILE B 77 -17.15 9.79 0.21
C ILE B 77 -17.43 8.86 1.38
N THR B 78 -16.58 8.91 2.40
CA THR B 78 -16.72 8.06 3.59
C THR B 78 -17.48 8.86 4.65
N GLY B 79 -18.69 8.42 4.95
CA GLY B 79 -19.51 9.13 5.91
C GLY B 79 -20.00 10.47 5.38
N ALA B 80 -20.84 10.44 4.35
CA ALA B 80 -21.37 11.67 3.78
C ALA B 80 -22.43 12.26 4.70
N GLN B 81 -22.44 13.59 4.81
CA GLN B 81 -23.48 14.28 5.54
C GLN B 81 -24.60 14.70 4.58
N THR B 82 -25.57 15.45 5.10
CA THR B 82 -26.64 16.00 4.27
C THR B 82 -26.12 17.07 3.32
N GLU B 83 -24.99 17.69 3.65
CA GLU B 83 -24.38 18.73 2.84
C GLU B 83 -23.82 18.21 1.52
N ASP B 84 -23.71 16.89 1.35
CA ASP B 84 -23.13 16.29 0.15
C ASP B 84 -24.18 15.94 -0.90
N GLU B 85 -25.44 16.34 -0.69
CA GLU B 85 -26.47 16.17 -1.72
C GLU B 85 -26.21 17.14 -2.84
N ALA B 86 -25.59 16.66 -3.92
CA ALA B 86 -25.20 17.53 -5.02
C ALA B 86 -24.97 16.68 -6.26
N ILE B 87 -24.56 17.32 -7.34
CA ILE B 87 -24.32 16.66 -8.61
C ILE B 87 -22.81 16.71 -8.88
N TYR B 88 -22.23 15.55 -9.18
CA TYR B 88 -20.79 15.40 -9.30
C TYR B 88 -20.41 15.06 -10.73
N PHE B 89 -19.51 15.85 -11.31
CA PHE B 89 -19.07 15.67 -12.68
C PHE B 89 -17.62 15.19 -12.70
N CYS B 90 -17.29 14.40 -13.71
CA CYS B 90 -15.94 13.87 -13.90
C CYS B 90 -15.40 14.31 -15.25
N ALA B 91 -14.15 14.78 -15.26
CA ALA B 91 -13.52 15.28 -16.47
C ALA B 91 -12.25 14.49 -16.76
N LEU B 92 -12.01 14.20 -18.04
CA LEU B 92 -10.83 13.49 -18.48
C LEU B 92 -10.08 14.33 -19.50
N TRP B 93 -8.74 14.37 -19.39
CA TRP B 93 -7.96 15.33 -20.16
C TRP B 93 -7.89 14.95 -21.64
N TYR B 94 -7.60 13.69 -21.93
CA TYR B 94 -7.48 13.17 -23.30
C TYR B 94 -6.42 13.90 -24.13
N SER B 95 -5.46 14.55 -23.46
CA SER B 95 -4.24 15.14 -24.02
C SER B 95 -4.50 16.38 -24.86
N ASN B 96 -5.76 16.70 -25.16
CA ASN B 96 -6.04 17.92 -25.92
C ASN B 96 -7.21 18.73 -25.38
N HIS B 97 -8.19 18.12 -24.70
CA HIS B 97 -9.42 18.81 -24.38
C HIS B 97 -10.19 18.04 -23.31
N TRP B 98 -10.63 18.75 -22.27
CA TRP B 98 -11.36 18.13 -21.19
C TRP B 98 -12.74 17.67 -21.65
N VAL B 99 -13.11 16.44 -21.31
CA VAL B 99 -14.40 15.87 -21.64
C VAL B 99 -15.11 15.54 -20.33
N PHE B 100 -16.29 16.11 -20.14
CA PHE B 100 -17.02 15.95 -18.89
C PHE B 100 -18.01 14.79 -18.96
N GLY B 101 -18.37 14.29 -17.78
CA GLY B 101 -19.41 13.29 -17.65
C GLY B 101 -20.78 13.92 -17.60
N GLY B 102 -21.77 13.07 -17.36
CA GLY B 102 -23.15 13.52 -17.33
C GLY B 102 -23.58 14.02 -15.96
N GLY B 103 -22.85 13.64 -14.92
CA GLY B 103 -23.19 14.05 -13.57
C GLY B 103 -24.05 13.05 -12.85
N THR B 104 -23.61 12.60 -11.67
CA THR B 104 -24.43 11.75 -10.81
C THR B 104 -25.13 12.63 -9.78
N LYS B 105 -26.46 12.64 -9.82
CA LYS B 105 -27.23 13.42 -8.85
C LYS B 105 -27.32 12.60 -7.56
N LEU B 106 -26.24 12.65 -6.78
CA LEU B 106 -26.22 11.96 -5.50
C LEU B 106 -27.17 12.65 -4.54
N THR B 107 -28.05 11.85 -3.92
CA THR B 107 -29.02 12.36 -2.96
C THR B 107 -28.90 11.60 -1.65
N VAL B 108 -28.98 12.32 -0.55
CA VAL B 108 -28.90 11.75 0.79
C VAL B 108 -30.24 11.99 1.48
N LEU B 109 -30.74 10.97 2.16
CA LEU B 109 -32.04 11.06 2.80
C LEU B 109 -31.96 11.90 4.07
N GLY B 110 -33.03 12.65 4.34
CA GLY B 110 -33.09 13.48 5.53
C GLY B 110 -34.50 13.82 5.95
N GLN C 1 -9.03 34.72 -0.45
CA GLN C 1 -10.36 35.18 -0.79
C GLN C 1 -10.49 35.33 -2.31
N VAL C 2 -10.70 34.20 -2.98
CA VAL C 2 -10.82 34.16 -4.43
C VAL C 2 -12.29 34.28 -4.82
N GLN C 3 -12.61 35.28 -5.63
CA GLN C 3 -13.98 35.45 -6.12
C GLN C 3 -13.94 35.78 -7.60
N LEU C 4 -14.72 35.06 -8.40
CA LEU C 4 -14.84 35.31 -9.83
C LEU C 4 -16.24 35.86 -10.09
N GLN C 5 -16.32 37.15 -10.41
CA GLN C 5 -17.60 37.82 -10.59
C GLN C 5 -18.01 37.68 -12.06
N GLN C 6 -18.94 36.78 -12.32
CA GLN C 6 -19.43 36.55 -13.67
C GLN C 6 -20.40 37.65 -14.07
N SER C 7 -20.48 37.93 -15.36
CA SER C 7 -21.30 39.02 -15.86
C SER C 7 -22.79 38.70 -15.71
N GLY C 8 -23.62 39.74 -15.84
CA GLY C 8 -25.04 39.60 -15.70
C GLY C 8 -25.68 38.91 -16.89
N ALA C 9 -26.95 38.55 -16.71
CA ALA C 9 -27.67 37.78 -17.72
C ALA C 9 -27.83 38.57 -19.01
N GLU C 10 -27.70 37.87 -20.14
CA GLU C 10 -27.71 38.46 -21.46
C GLU C 10 -28.84 37.89 -22.29
N LEU C 11 -29.48 38.74 -23.09
CA LEU C 11 -30.49 38.31 -24.06
C LEU C 11 -30.08 38.84 -25.43
N ALA C 12 -29.99 37.95 -26.40
CA ALA C 12 -29.59 38.33 -27.75
C ALA C 12 -30.44 37.58 -28.77
N ARG C 13 -30.56 38.16 -29.95
CA ARG C 13 -31.26 37.58 -31.09
C ARG C 13 -30.32 36.65 -31.86
N PRO C 14 -30.86 35.66 -32.57
CA PRO C 14 -30.00 34.77 -33.36
C PRO C 14 -29.31 35.52 -34.49
N GLY C 15 -28.07 35.12 -34.76
CA GLY C 15 -27.25 35.79 -35.74
C GLY C 15 -26.48 36.99 -35.22
N ALA C 16 -26.66 37.36 -33.97
CA ALA C 16 -25.98 38.50 -33.37
C ALA C 16 -24.75 38.01 -32.61
N SER C 17 -24.12 38.92 -31.87
CA SER C 17 -22.94 38.61 -31.09
C SER C 17 -23.09 39.14 -29.67
N VAL C 18 -22.50 38.43 -28.72
CA VAL C 18 -22.58 38.77 -27.30
C VAL C 18 -21.19 38.63 -26.70
N LYS C 19 -20.90 39.46 -25.68
CA LYS C 19 -19.61 39.47 -25.02
C LYS C 19 -19.82 39.30 -23.52
N LEU C 20 -19.13 38.33 -22.93
CA LEU C 20 -19.31 37.94 -21.54
C LEU C 20 -18.02 38.19 -20.77
N SER C 21 -18.13 38.68 -19.54
CA SER C 21 -16.97 39.19 -18.80
C SER C 21 -16.92 38.59 -17.40
N CYS C 22 -15.90 37.77 -17.14
CA CYS C 22 -15.63 37.23 -15.81
C CYS C 22 -14.57 38.11 -15.14
N LYS C 23 -15.02 38.97 -14.22
CA LYS C 23 -14.15 39.96 -13.58
C LYS C 23 -13.51 39.28 -12.36
N ALA C 24 -12.32 38.74 -12.58
CA ALA C 24 -11.62 37.98 -11.55
C ALA C 24 -10.92 38.91 -10.57
N THR C 25 -11.18 38.71 -9.27
CA THR C 25 -10.49 39.44 -8.22
C THR C 25 -10.07 38.49 -7.11
N GLY C 26 -9.13 38.94 -6.29
CA GLY C 26 -8.71 38.20 -5.12
C GLY C 26 -7.43 37.42 -5.27
N TYR C 27 -6.81 37.42 -6.44
CA TYR C 27 -5.58 36.68 -6.66
C TYR C 27 -4.83 37.30 -7.83
N SER C 28 -3.72 36.67 -8.20
CA SER C 28 -2.87 37.15 -9.29
C SER C 28 -3.48 36.72 -10.61
N PHE C 29 -4.15 37.68 -11.28
CA PHE C 29 -4.84 37.37 -12.53
C PHE C 29 -3.86 36.94 -13.61
N THR C 30 -2.73 37.63 -13.73
CA THR C 30 -1.81 37.41 -14.84
C THR C 30 -0.89 36.21 -14.62
N SER C 31 -1.18 35.33 -13.67
CA SER C 31 -0.42 34.11 -13.48
C SER C 31 -1.29 32.87 -13.36
N TYR C 32 -2.58 32.99 -13.69
CA TYR C 32 -3.52 31.88 -13.57
C TYR C 32 -4.34 31.77 -14.85
N TRP C 33 -4.53 30.54 -15.33
CA TRP C 33 -5.38 30.31 -16.48
C TRP C 33 -6.85 30.43 -16.09
N MET C 34 -7.65 30.94 -17.02
CA MET C 34 -9.10 31.01 -16.85
C MET C 34 -9.75 30.12 -17.90
N GLN C 35 -10.58 29.19 -17.44
CA GLN C 35 -11.25 28.22 -18.30
C GLN C 35 -12.73 28.55 -18.40
N TRP C 36 -13.28 28.43 -19.60
CA TRP C 36 -14.68 28.72 -19.86
C TRP C 36 -15.42 27.42 -20.15
N VAL C 37 -16.54 27.21 -19.46
CA VAL C 37 -17.31 25.97 -19.53
C VAL C 37 -18.74 26.28 -19.93
N LYS C 38 -19.27 25.55 -20.89
CA LYS C 38 -20.65 25.69 -21.35
C LYS C 38 -21.51 24.58 -20.77
N GLN C 39 -22.63 24.95 -20.17
CA GLN C 39 -23.55 24.00 -19.57
C GLN C 39 -24.92 24.13 -20.22
N ARG C 40 -25.43 23.03 -20.75
CA ARG C 40 -26.77 22.94 -21.30
C ARG C 40 -27.57 21.89 -20.53
N PRO C 41 -28.86 22.10 -20.31
CA PRO C 41 -29.61 21.21 -19.42
C PRO C 41 -29.97 19.90 -20.11
N GLY C 42 -29.35 18.81 -19.64
CA GLY C 42 -29.52 17.50 -20.23
C GLY C 42 -28.40 17.06 -21.14
N GLN C 43 -27.51 17.98 -21.55
CA GLN C 43 -26.36 17.64 -22.38
C GLN C 43 -25.04 17.71 -21.59
N GLY C 44 -25.11 17.61 -20.27
CA GLY C 44 -23.90 17.66 -19.46
C GLY C 44 -23.23 19.02 -19.54
N MET C 45 -21.90 19.02 -19.58
CA MET C 45 -21.12 20.24 -19.73
C MET C 45 -20.07 20.06 -20.81
N GLU C 46 -19.75 21.16 -21.48
CA GLU C 46 -18.78 21.17 -22.56
C GLU C 46 -17.71 22.20 -22.25
N TRP C 47 -16.45 21.80 -22.36
CA TRP C 47 -15.32 22.70 -22.20
C TRP C 47 -15.18 23.56 -23.44
N ILE C 48 -15.20 24.89 -23.26
CA ILE C 48 -15.04 25.81 -24.38
C ILE C 48 -13.57 26.06 -24.67
N GLY C 49 -12.81 26.44 -23.66
CA GLY C 49 -11.40 26.70 -23.84
C GLY C 49 -10.80 27.32 -22.59
N ALA C 50 -9.54 27.73 -22.73
CA ALA C 50 -8.82 28.37 -21.64
C ALA C 50 -8.00 29.51 -22.19
N ILE C 51 -7.73 30.50 -21.34
CA ILE C 51 -6.91 31.65 -21.71
C ILE C 51 -5.93 31.94 -20.58
N TYR C 52 -4.72 32.33 -20.96
CA TYR C 52 -3.73 32.80 -20.00
C TYR C 52 -3.63 34.30 -20.14
N PRO C 53 -4.15 35.09 -19.19
CA PRO C 53 -4.18 36.55 -19.37
C PRO C 53 -2.81 37.20 -19.42
N GLY C 54 -1.75 36.51 -19.00
CA GLY C 54 -0.40 37.04 -19.03
C GLY C 54 0.05 37.46 -20.42
N ASP C 55 0.20 36.49 -21.33
CA ASP C 55 0.63 36.79 -22.69
C ASP C 55 -0.43 36.42 -23.73
N VAL C 56 -1.69 36.25 -23.30
CA VAL C 56 -2.85 35.99 -24.14
C VAL C 56 -2.61 34.70 -24.93
N THR C 57 -2.17 33.66 -24.24
CA THR C 57 -2.13 32.32 -24.83
C THR C 57 -3.48 31.65 -24.61
N SER C 58 -4.05 31.10 -25.68
CA SER C 58 -5.41 30.59 -25.64
C SER C 58 -5.46 29.15 -26.15
N ARG C 59 -6.40 28.40 -25.60
CA ARG C 59 -6.68 27.03 -26.01
C ARG C 59 -8.17 26.93 -26.34
N TYR C 60 -8.51 26.09 -27.29
CA TYR C 60 -9.91 25.90 -27.59
C TYR C 60 -10.11 24.50 -28.09
N THR C 61 -11.35 24.03 -27.98
CA THR C 61 -11.76 22.81 -28.65
C THR C 61 -12.02 23.11 -30.13
N GLN C 62 -12.08 22.05 -30.93
CA GLN C 62 -12.22 22.23 -32.38
C GLN C 62 -13.56 22.85 -32.74
N LYS C 63 -14.64 22.44 -32.06
CA LYS C 63 -15.97 22.93 -32.42
C LYS C 63 -16.20 24.35 -31.95
N PHE C 64 -15.49 24.80 -30.92
CA PHE C 64 -15.62 26.16 -30.40
C PHE C 64 -14.51 27.08 -30.90
N LYS C 65 -13.74 26.67 -31.91
CA LYS C 65 -12.61 27.46 -32.36
C LYS C 65 -13.07 28.77 -32.99
N GLY C 66 -14.02 28.70 -33.93
CA GLY C 66 -14.53 29.90 -34.56
C GLY C 66 -15.70 30.51 -33.82
N LYS C 67 -16.38 29.70 -33.00
CA LYS C 67 -17.56 30.18 -32.30
C LYS C 67 -17.22 31.17 -31.21
N ALA C 68 -16.21 30.85 -30.40
CA ALA C 68 -15.83 31.67 -29.25
C ALA C 68 -14.42 32.19 -29.43
N THR C 69 -14.22 33.46 -29.06
CA THR C 69 -12.89 34.07 -29.02
C THR C 69 -12.64 34.56 -27.59
N LEU C 70 -11.56 34.08 -26.99
CA LEU C 70 -11.23 34.43 -25.63
C LEU C 70 -10.27 35.60 -25.61
N THR C 71 -10.60 36.62 -24.81
CA THR C 71 -9.78 37.82 -24.70
C THR C 71 -9.68 38.19 -23.22
N ALA C 72 -8.62 38.91 -22.87
CA ALA C 72 -8.40 39.33 -21.49
C ALA C 72 -8.03 40.80 -21.48
N ASP C 73 -8.34 41.45 -20.36
CA ASP C 73 -8.05 42.87 -20.15
C ASP C 73 -7.38 42.98 -18.78
N LYS C 74 -6.04 42.89 -18.78
CA LYS C 74 -5.29 42.81 -17.53
C LYS C 74 -5.30 44.12 -16.75
N SER C 75 -5.63 45.24 -17.40
CA SER C 75 -5.71 46.50 -16.68
C SER C 75 -6.88 46.51 -15.71
N SER C 76 -8.04 46.04 -16.15
CA SER C 76 -9.23 45.98 -15.32
C SER C 76 -9.46 44.60 -14.71
N SER C 77 -8.53 43.66 -14.91
CA SER C 77 -8.56 42.33 -14.32
C SER C 77 -9.82 41.56 -14.71
N THR C 78 -10.20 41.64 -15.98
CA THR C 78 -11.38 40.97 -16.51
C THR C 78 -11.00 40.11 -17.70
N ALA C 79 -11.60 38.93 -17.79
CA ALA C 79 -11.46 38.05 -18.93
C ALA C 79 -12.75 38.02 -19.72
N PHE C 80 -12.65 38.01 -21.04
CA PHE C 80 -13.82 38.11 -21.91
C PHE C 80 -13.95 36.87 -22.79
N MET C 81 -15.20 36.55 -23.10
CA MET C 81 -15.54 35.54 -24.09
C MET C 81 -16.57 36.13 -25.04
N GLN C 82 -16.25 36.14 -26.32
CA GLN C 82 -17.14 36.68 -27.33
C GLN C 82 -17.71 35.58 -28.21
N LEU C 83 -19.04 35.50 -28.25
CA LEU C 83 -19.73 34.49 -29.05
C LEU C 83 -20.28 35.15 -30.30
N ARG C 84 -19.96 34.60 -31.47
CA ARG C 84 -20.38 35.17 -32.74
C ARG C 84 -21.28 34.19 -33.48
N SER C 85 -22.20 34.76 -34.27
CA SER C 85 -23.21 34.00 -35.02
C SER C 85 -24.03 33.12 -34.08
N LEU C 86 -24.73 33.78 -33.16
CA LEU C 86 -25.51 33.07 -32.14
C LEU C 86 -26.69 32.34 -32.78
N ALA C 87 -26.97 31.15 -32.26
CA ALA C 87 -28.08 30.32 -32.73
C ALA C 87 -28.82 29.75 -31.52
N SER C 88 -29.80 28.90 -31.80
CA SER C 88 -30.64 28.36 -30.74
C SER C 88 -29.86 27.44 -29.79
N GLU C 89 -28.89 26.70 -30.31
CA GLU C 89 -28.09 25.82 -29.46
C GLU C 89 -27.12 26.58 -28.56
N ASP C 90 -26.93 27.87 -28.79
CA ASP C 90 -26.07 28.68 -27.92
C ASP C 90 -26.78 29.15 -26.66
N SER C 91 -28.07 28.86 -26.51
CA SER C 91 -28.79 29.19 -25.29
C SER C 91 -28.33 28.26 -24.18
N ALA C 92 -27.49 28.77 -23.27
CA ALA C 92 -26.88 27.94 -22.25
C ALA C 92 -26.46 28.84 -21.09
N VAL C 93 -25.73 28.25 -20.14
CA VAL C 93 -25.12 28.96 -19.03
C VAL C 93 -23.62 28.79 -19.13
N TYR C 94 -22.89 29.90 -19.11
CA TYR C 94 -21.45 29.89 -19.32
C TYR C 94 -20.74 30.26 -18.02
N TYR C 95 -19.78 29.43 -17.63
CA TYR C 95 -19.02 29.61 -16.40
C TYR C 95 -17.57 29.91 -16.72
N CYS C 96 -16.94 30.66 -15.82
CA CYS C 96 -15.49 30.88 -15.86
C CYS C 96 -14.86 30.15 -14.68
N ALA C 97 -13.81 29.39 -14.95
CA ALA C 97 -13.17 28.57 -13.93
C ALA C 97 -11.69 28.86 -13.90
N ARG C 98 -11.14 28.96 -12.69
CA ARG C 98 -9.73 29.27 -12.52
C ARG C 98 -8.88 28.01 -12.59
N TRP C 99 -7.75 28.09 -13.29
CA TRP C 99 -6.82 26.98 -13.41
C TRP C 99 -5.41 27.49 -13.15
N SER C 100 -4.67 26.79 -12.30
CA SER C 100 -3.31 27.19 -11.96
C SER C 100 -2.33 26.99 -13.11
N GLY C 101 -2.67 26.14 -14.08
CA GLY C 101 -1.76 25.79 -15.14
C GLY C 101 -1.09 24.44 -14.98
N TYR C 102 -1.37 23.73 -13.89
CA TYR C 102 -0.74 22.46 -13.57
C TYR C 102 -1.79 21.36 -13.61
N TYR C 103 -1.49 20.27 -14.30
CA TYR C 103 -2.46 19.19 -14.43
C TYR C 103 -2.57 18.34 -13.18
N GLY C 104 -1.59 18.41 -12.29
CA GLY C 104 -1.67 17.68 -11.03
C GLY C 104 -2.63 18.30 -10.03
N SER C 105 -2.97 19.57 -10.21
CA SER C 105 -3.94 20.25 -9.37
C SER C 105 -5.30 20.25 -10.06
N SER C 106 -6.30 20.81 -9.40
CA SER C 106 -7.61 20.93 -10.00
C SER C 106 -7.59 21.98 -11.10
N SER C 107 -8.17 21.64 -12.23
CA SER C 107 -8.29 22.58 -13.34
C SER C 107 -9.49 23.50 -13.21
N PHE C 108 -10.33 23.28 -12.20
CA PHE C 108 -11.59 23.99 -12.05
C PHE C 108 -11.75 24.42 -10.58
N ASP C 109 -10.74 25.11 -10.05
CA ASP C 109 -10.69 25.45 -8.64
C ASP C 109 -11.91 26.28 -8.21
N TYR C 110 -12.02 27.50 -8.74
CA TYR C 110 -13.10 28.40 -8.37
C TYR C 110 -13.89 28.79 -9.61
N TRP C 111 -15.21 28.76 -9.49
CA TRP C 111 -16.12 28.98 -10.60
C TRP C 111 -16.87 30.29 -10.41
N GLY C 112 -17.27 30.91 -11.51
CA GLY C 112 -18.21 32.00 -11.44
C GLY C 112 -19.62 31.50 -11.24
N GLN C 113 -20.52 32.42 -10.90
CA GLN C 113 -21.91 32.01 -10.70
C GLN C 113 -22.65 31.76 -12.00
N GLY C 114 -22.06 32.08 -13.15
CA GLY C 114 -22.65 31.73 -14.43
C GLY C 114 -23.58 32.76 -15.02
N THR C 115 -23.40 33.06 -16.29
CA THR C 115 -24.31 33.92 -17.03
C THR C 115 -25.22 33.07 -17.90
N THR C 116 -26.52 33.25 -17.73
CA THR C 116 -27.48 32.59 -18.60
C THR C 116 -27.68 33.41 -19.87
N LEU C 117 -27.47 32.79 -21.02
CA LEU C 117 -27.63 33.44 -22.31
C LEU C 117 -28.88 32.89 -22.98
N THR C 118 -29.79 33.78 -23.34
CA THR C 118 -31.04 33.41 -24.02
C THR C 118 -30.98 33.92 -25.45
N VAL C 119 -31.11 33.00 -26.40
CA VAL C 119 -31.07 33.33 -27.83
C VAL C 119 -32.44 32.96 -28.39
N SER C 120 -33.32 33.95 -28.52
CA SER C 120 -34.65 33.72 -29.06
C SER C 120 -35.19 35.05 -29.56
N SER C 121 -36.20 34.96 -30.43
CA SER C 121 -36.84 36.15 -30.98
C SER C 121 -38.33 36.19 -30.64
CA CA D . 2.22 23.76 -46.84
CA CA E . 6.36 22.88 -45.66
CA CA F . 10.82 23.63 -40.48
CA CA G . 6.99 23.48 -41.83
CA CA H . 19.10 12.94 7.99
CA CA I . 15.77 17.05 7.47
#